data_7H85
#
_entry.id   7H85
#
_cell.length_a   87.069
_cell.length_b   87.069
_cell.length_c   85.271
_cell.angle_alpha   90.00
_cell.angle_beta   90.00
_cell.angle_gamma   120.00
#
_symmetry.space_group_name_H-M   'P 31'
#
loop_
_entity.id
_entity.type
_entity.pdbx_description
1 polymer 'Non-structural protein 3'
2 non-polymer 'DIMETHYL SULFOXIDE'
3 non-polymer 2-AMINO-2-HYDROXYMETHYL-PROPANE-1,3-DIOL
4 non-polymer 'CHLORIDE ION'
5 non-polymer 2-cyanoacetamide
6 water water
#
_entity_poly.entity_id   1
_entity_poly.type   'polypeptide(L)'
_entity_poly.pdbx_seq_one_letter_code
;GAMAPSYRVKRMDIAKNDEECVVNAANPRGLPGDGVCKAVYKKWPESFKNSATPVGTAKTVMCGTYPVIHAVGPNFSNYT
ESEGDRELAAAYREVAKEVTRLGVNSVAIPLLSTGVYSGGKDRLTQSLNHLFTAMDSTDADVVIYCRDKEWEKKISEAIQ
MRT
;
_entity_poly.pdbx_strand_id   A,B,C,D
#
loop_
_chem_comp.id
_chem_comp.type
_chem_comp.name
_chem_comp.formula
CL non-polymer 'CHLORIDE ION' 'Cl -1'
DMS non-polymer 'DIMETHYL SULFOXIDE' 'C2 H6 O S'
TRS non-polymer 2-AMINO-2-HYDROXYMETHYL-PROPANE-1,3-DIOL 'C4 H12 N O3 1'
XHD non-polymer 2-cyanoacetamide 'C3 H4 N2 O'
#
# COMPACT_ATOMS: atom_id res chain seq x y z
N GLY A 1 -2.09 -7.84 23.23
CA GLY A 1 -0.67 -8.27 23.47
C GLY A 1 -0.32 -9.57 22.75
N ALA A 2 0.97 -9.91 22.70
CA ALA A 2 1.42 -11.21 22.19
C ALA A 2 1.08 -12.27 23.23
N MET A 3 0.75 -13.50 22.79
CA MET A 3 0.37 -14.60 23.71
C MET A 3 1.53 -14.93 24.66
N ALA A 4 2.76 -14.88 24.16
CA ALA A 4 3.96 -15.18 24.97
C ALA A 4 5.02 -14.18 24.59
N PRO A 5 4.90 -12.94 25.09
CA PRO A 5 5.79 -11.87 24.65
C PRO A 5 7.27 -12.28 24.69
N SER A 6 7.97 -11.99 23.61
CA SER A 6 9.35 -12.45 23.38
C SER A 6 10.22 -11.31 22.88
N TYR A 7 11.51 -11.51 22.96
CA TYR A 7 12.52 -10.78 22.17
C TYR A 7 13.18 -11.70 21.17
N ARG A 8 13.43 -11.18 19.98
CA ARG A 8 14.22 -11.88 18.92
C ARG A 8 15.13 -10.87 18.26
N VAL A 9 16.13 -11.38 17.56
CA VAL A 9 17.03 -10.50 16.79
C VAL A 9 17.15 -11.08 15.41
N LYS A 10 17.13 -10.20 14.41
CA LYS A 10 17.37 -10.60 13.00
C LYS A 10 18.40 -9.67 12.38
N ARG A 11 19.27 -10.24 11.54
CA ARG A 11 20.30 -9.49 10.80
C ARG A 11 19.78 -9.24 9.39
N MET A 12 19.11 -8.10 9.20
CA MET A 12 18.52 -7.72 7.92
C MET A 12 17.99 -6.31 8.06
N ASP A 13 17.62 -5.76 6.93
CA ASP A 13 17.06 -4.40 6.83
C ASP A 13 15.73 -4.32 7.55
N ILE A 14 15.63 -3.42 8.50
CA ILE A 14 14.38 -3.18 9.28
C ILE A 14 13.28 -2.67 8.35
N ALA A 15 13.60 -2.08 7.21
CA ALA A 15 12.57 -1.73 6.20
C ALA A 15 11.83 -2.95 5.63
N LYS A 16 12.32 -4.16 5.85
CA LYS A 16 11.72 -5.43 5.37
C LYS A 16 11.11 -6.19 6.55
N ASN A 17 10.84 -5.52 7.68
CA ASN A 17 10.37 -6.19 8.92
C ASN A 17 9.00 -6.86 8.72
N ASP A 18 8.72 -7.82 9.58
CA ASP A 18 7.47 -8.63 9.61
C ASP A 18 6.69 -8.33 10.87
N GLU A 19 6.77 -7.10 11.38
CA GLU A 19 6.09 -6.69 12.60
C GLU A 19 5.00 -5.65 12.29
N GLU A 20 4.18 -5.37 13.29
CA GLU A 20 2.97 -4.52 13.09
C GLU A 20 3.32 -3.03 13.12
N CYS A 21 4.54 -2.65 13.50
CA CYS A 21 5.03 -1.26 13.47
C CYS A 21 6.54 -1.27 13.52
N VAL A 22 7.12 -0.12 13.20
CA VAL A 22 8.59 0.03 13.15
C VAL A 22 8.99 1.23 13.98
N VAL A 23 10.13 1.12 14.60
CA VAL A 23 10.82 2.26 15.23
C VAL A 23 11.93 2.72 14.32
N ASN A 24 11.86 3.98 13.97
CA ASN A 24 12.91 4.64 13.21
C ASN A 24 13.97 5.16 14.18
N ALA A 25 15.25 4.99 13.87
CA ALA A 25 16.36 5.72 14.52
C ALA A 25 16.48 7.10 13.87
N ALA A 26 15.58 7.97 14.29
CA ALA A 26 15.35 9.26 13.65
C ALA A 26 16.38 10.31 14.06
N ASN A 27 16.40 11.38 13.25
CA ASN A 27 17.06 12.62 13.68
C ASN A 27 16.01 13.58 14.18
N PRO A 28 16.39 14.61 14.93
CA PRO A 28 15.38 15.47 15.53
C PRO A 28 14.54 16.28 14.52
N ARG A 29 15.03 16.36 13.29
CA ARG A 29 14.49 17.31 12.31
C ARG A 29 13.58 16.63 11.32
N GLY A 30 13.38 15.31 11.42
CA GLY A 30 12.53 14.66 10.41
C GLY A 30 13.19 14.63 9.07
N LEU A 31 14.54 14.65 9.00
CA LEU A 31 15.26 14.60 7.70
C LEU A 31 15.43 13.15 7.27
N PRO A 32 15.60 12.86 5.98
CA PRO A 32 15.86 11.50 5.52
C PRO A 32 17.05 10.84 6.19
N GLY A 33 18.08 11.61 6.45
CA GLY A 33 19.21 11.11 7.26
C GLY A 33 20.03 10.03 6.60
N ASP A 34 20.62 9.16 7.40
CA ASP A 34 21.58 8.11 6.98
C ASP A 34 21.21 6.78 7.65
N GLY A 35 21.76 5.67 7.15
CA GLY A 35 21.59 4.34 7.77
C GLY A 35 20.12 3.92 7.91
N VAL A 36 19.74 3.47 9.10
CA VAL A 36 18.34 3.02 9.34
C VAL A 36 17.38 4.11 8.88
N CYS A 37 17.63 5.36 9.25
CA CYS A 37 16.70 6.46 8.98
C CYS A 37 16.47 6.58 7.48
N LYS A 38 17.54 6.45 6.67
CA LYS A 38 17.38 6.60 5.21
C LYS A 38 16.58 5.41 4.64
N ALA A 39 16.76 4.21 5.19
CA ALA A 39 16.01 3.01 4.75
C ALA A 39 14.54 3.21 5.09
N VAL A 40 14.28 3.78 6.27
CA VAL A 40 12.88 4.03 6.71
C VAL A 40 12.27 5.12 5.81
N TYR A 41 13.06 6.12 5.44
CA TYR A 41 12.55 7.20 4.57
C TYR A 41 12.17 6.65 3.18
N LYS A 42 12.97 5.75 2.64
CA LYS A 42 12.72 5.12 1.32
C LYS A 42 11.43 4.29 1.39
N LYS A 43 11.22 3.55 2.49
CA LYS A 43 10.10 2.58 2.59
C LYS A 43 8.80 3.29 2.99
N TRP A 44 8.87 4.27 3.89
CA TRP A 44 7.69 4.94 4.46
C TRP A 44 7.86 6.45 4.42
N PRO A 45 8.09 7.06 3.26
CA PRO A 45 8.34 8.50 3.25
C PRO A 45 7.21 9.37 3.77
N GLU A 46 5.98 8.88 3.62
CA GLU A 46 4.78 9.60 4.10
C GLU A 46 4.85 9.79 5.63
N SER A 47 5.60 8.91 6.32
CA SER A 47 5.66 8.99 7.79
C SER A 47 6.56 10.12 8.25
N PHE A 48 7.20 10.82 7.32
CA PHE A 48 8.11 11.93 7.73
C PHE A 48 7.37 13.27 7.70
N LYS A 49 6.07 13.27 7.46
CA LYS A 49 5.25 14.52 7.62
C LYS A 49 5.16 14.95 9.10
N ASN A 50 5.79 16.06 9.45
CA ASN A 50 5.78 16.57 10.85
C ASN A 50 6.26 15.49 11.83
N SER A 51 7.33 14.83 11.46
CA SER A 51 7.95 13.85 12.37
C SER A 51 9.08 14.45 13.23
N ALA A 52 9.49 15.68 13.02
CA ALA A 52 10.50 16.34 13.86
C ALA A 52 10.06 16.27 15.32
N THR A 53 11.00 15.98 16.22
CA THR A 53 10.76 15.78 17.67
C THR A 53 12.11 15.89 18.37
N PRO A 54 12.14 16.33 19.63
CA PRO A 54 13.43 16.52 20.30
C PRO A 54 14.14 15.24 20.65
N VAL A 55 15.40 15.39 21.01
CA VAL A 55 16.20 14.24 21.50
C VAL A 55 15.49 13.70 22.74
N GLY A 56 15.50 12.37 22.83
CA GLY A 56 14.98 11.70 24.04
C GLY A 56 13.48 11.45 23.91
N THR A 57 12.86 11.71 22.76
CA THR A 57 11.42 11.53 22.55
C THR A 57 11.14 10.65 21.36
N ALA A 58 9.86 10.29 21.26
CA ALA A 58 9.39 9.49 20.15
C ALA A 58 8.10 10.12 19.67
N LYS A 59 7.92 10.13 18.37
CA LYS A 59 6.75 10.72 17.71
C LYS A 59 6.31 9.74 16.63
N THR A 60 5.07 9.27 16.72
CA THR A 60 4.54 8.29 15.75
C THR A 60 3.79 9.02 14.64
N VAL A 61 4.07 8.64 13.42
CA VAL A 61 3.35 9.11 12.20
C VAL A 61 2.98 7.88 11.42
N MET A 62 1.73 7.83 10.99
N MET A 62 1.72 7.79 11.03
CA MET A 62 1.19 6.70 10.21
CA MET A 62 1.19 6.66 10.24
C MET A 62 1.62 6.81 8.75
C MET A 62 1.61 6.79 8.77
N CYS A 63 2.02 5.69 8.15
CA CYS A 63 2.19 5.56 6.69
C CYS A 63 1.06 4.63 6.26
N GLY A 64 -0.03 5.18 5.73
CA GLY A 64 -1.25 4.38 5.60
C GLY A 64 -1.80 4.10 6.95
N THR A 65 -1.91 2.83 7.35
CA THR A 65 -2.24 2.41 8.70
C THR A 65 -1.03 1.82 9.43
N TYR A 66 0.14 1.88 8.81
CA TYR A 66 1.36 1.27 9.40
C TYR A 66 2.08 2.31 10.24
N PRO A 67 2.21 2.12 11.57
CA PRO A 67 2.82 3.17 12.39
C PRO A 67 4.36 3.14 12.35
N VAL A 68 4.92 4.31 12.13
CA VAL A 68 6.36 4.58 12.21
C VAL A 68 6.60 5.41 13.45
N ILE A 69 7.30 4.85 14.43
CA ILE A 69 7.58 5.52 15.70
C ILE A 69 9.01 6.12 15.53
N HIS A 70 9.09 7.43 15.34
CA HIS A 70 10.37 8.14 15.17
C HIS A 70 10.98 8.38 16.53
N ALA A 71 11.99 7.62 16.90
CA ALA A 71 12.66 7.71 18.22
C ALA A 71 14.02 8.38 18.02
N VAL A 72 14.20 9.51 18.74
CA VAL A 72 15.44 10.32 18.58
C VAL A 72 16.40 10.05 19.72
N GLY A 73 17.36 9.16 19.47
CA GLY A 73 18.48 8.96 20.37
C GLY A 73 19.45 10.14 20.26
N PRO A 74 20.24 10.36 21.31
CA PRO A 74 21.27 11.40 21.32
C PRO A 74 22.42 11.04 20.40
N ASN A 75 23.00 12.08 19.79
CA ASN A 75 24.28 11.91 19.05
C ASN A 75 25.40 12.09 20.06
N PHE A 76 26.11 11.04 20.43
CA PHE A 76 27.18 11.05 21.44
C PHE A 76 28.38 11.89 20.96
N SER A 77 28.41 12.31 19.70
CA SER A 77 29.40 13.37 19.29
C SER A 77 29.11 14.68 20.03
N ASN A 78 27.85 14.96 20.34
CA ASN A 78 27.41 16.28 20.89
C ASN A 78 27.15 16.24 22.38
N TYR A 79 26.73 15.09 22.91
CA TYR A 79 26.36 14.90 24.33
C TYR A 79 27.56 14.36 25.11
N THR A 80 27.65 14.73 26.38
CA THR A 80 28.52 14.04 27.37
C THR A 80 28.04 12.60 27.52
N GLU A 81 28.91 11.70 27.97
CA GLU A 81 28.50 10.31 28.24
C GLU A 81 27.28 10.27 29.18
N SER A 82 27.32 11.04 30.26
CA SER A 82 26.26 11.06 31.30
C SER A 82 24.93 11.54 30.69
N GLU A 83 24.93 12.68 30.01
N GLU A 83 24.93 12.68 30.01
CA GLU A 83 23.67 13.27 29.47
CA GLU A 83 23.68 13.27 29.46
C GLU A 83 23.17 12.37 28.32
C GLU A 83 23.18 12.40 28.30
N GLY A 84 24.08 11.91 27.48
CA GLY A 84 23.72 11.02 26.36
C GLY A 84 23.05 9.77 26.90
N ASP A 85 23.62 9.20 27.95
CA ASP A 85 23.06 7.97 28.54
C ASP A 85 21.62 8.25 29.01
N ARG A 86 21.37 9.40 29.64
CA ARG A 86 20.03 9.75 30.15
C ARG A 86 19.06 9.87 28.97
N GLU A 87 19.47 10.54 27.90
CA GLU A 87 18.57 10.78 26.76
C GLU A 87 18.30 9.48 26.02
N LEU A 88 19.27 8.59 25.96
CA LEU A 88 19.11 7.31 25.24
C LEU A 88 18.08 6.47 26.02
N ALA A 89 18.22 6.36 27.33
CA ALA A 89 17.19 5.68 28.15
C ALA A 89 15.84 6.34 27.98
N ALA A 90 15.73 7.68 27.92
CA ALA A 90 14.46 8.39 27.78
C ALA A 90 13.84 8.02 26.42
N ALA A 91 14.60 8.04 25.32
CA ALA A 91 14.02 7.74 24.00
C ALA A 91 13.35 6.36 24.04
N TYR A 92 14.00 5.37 24.65
CA TYR A 92 13.38 4.02 24.70
C TYR A 92 12.13 4.01 25.58
N ARG A 93 12.11 4.74 26.70
CA ARG A 93 10.89 4.82 27.52
C ARG A 93 9.75 5.40 26.67
N GLU A 94 9.99 6.39 25.81
CA GLU A 94 8.94 6.97 24.96
C GLU A 94 8.52 5.94 23.92
N VAL A 95 9.42 5.14 23.39
CA VAL A 95 9.03 4.07 22.48
C VAL A 95 8.06 3.13 23.19
N ALA A 96 8.37 2.72 24.40
CA ALA A 96 7.47 1.77 25.11
C ALA A 96 6.07 2.38 25.26
N LYS A 97 5.97 3.67 25.56
CA LYS A 97 4.66 4.34 25.71
C LYS A 97 3.95 4.28 24.38
N GLU A 98 4.63 4.57 23.27
CA GLU A 98 3.98 4.58 21.97
C GLU A 98 3.51 3.20 21.59
N VAL A 99 4.37 2.19 21.75
CA VAL A 99 4.04 0.80 21.38
C VAL A 99 2.78 0.42 22.17
N THR A 100 2.76 0.77 23.45
CA THR A 100 1.58 0.47 24.32
C THR A 100 0.35 1.17 23.78
N ARG A 101 0.44 2.46 23.54
CA ARG A 101 -0.69 3.29 23.06
C ARG A 101 -1.27 2.72 21.78
N LEU A 102 -0.43 2.25 20.85
CA LEU A 102 -0.86 1.81 19.54
C LEU A 102 -1.61 0.48 19.64
N GLY A 103 -1.37 -0.28 20.69
CA GLY A 103 -2.03 -1.60 20.86
C GLY A 103 -1.50 -2.67 19.94
N VAL A 104 -0.31 -2.49 19.36
CA VAL A 104 0.30 -3.48 18.47
C VAL A 104 0.69 -4.74 19.25
N ASN A 105 0.79 -5.85 18.57
CA ASN A 105 1.25 -7.10 19.16
C ASN A 105 2.72 -7.36 18.86
N SER A 106 3.35 -6.54 18.01
CA SER A 106 4.78 -6.71 17.64
C SER A 106 5.32 -5.35 17.17
N VAL A 107 6.64 -5.22 17.29
CA VAL A 107 7.36 -3.97 16.94
C VAL A 107 8.76 -4.37 16.48
N ALA A 108 9.20 -3.76 15.40
CA ALA A 108 10.56 -3.87 14.86
C ALA A 108 11.36 -2.67 15.40
N ILE A 109 12.54 -2.93 15.96
N ILE A 109 12.48 -2.94 16.09
CA ILE A 109 13.29 -1.84 16.64
CA ILE A 109 13.31 -1.89 16.77
C ILE A 109 14.78 -1.98 16.38
C ILE A 109 14.76 -2.00 16.32
N PRO A 110 15.45 -0.87 16.04
CA PRO A 110 16.90 -0.84 15.90
C PRO A 110 17.51 -0.43 17.25
N LEU A 111 18.84 -0.67 17.40
CA LEU A 111 19.54 -0.18 18.60
C LEU A 111 19.88 1.30 18.38
N LEU A 112 19.17 2.15 19.10
CA LEU A 112 19.36 3.62 19.05
C LEU A 112 20.78 3.99 19.44
N SER A 113 21.30 5.02 18.76
CA SER A 113 22.62 5.66 19.06
C SER A 113 23.78 4.67 18.89
N THR A 114 23.66 3.63 18.08
CA THR A 114 24.77 2.66 17.86
C THR A 114 25.53 2.82 16.55
N GLY A 115 25.04 3.62 15.64
CA GLY A 115 25.68 3.83 14.32
C GLY A 115 26.31 5.20 14.27
N VAL A 116 25.83 6.07 13.38
CA VAL A 116 26.45 7.40 13.19
C VAL A 116 26.22 8.31 14.42
N TYR A 117 25.35 7.96 15.38
CA TYR A 117 25.18 8.71 16.64
C TYR A 117 25.98 8.11 17.80
N SER A 118 26.84 7.12 17.54
CA SER A 118 27.59 6.42 18.62
C SER A 118 28.80 7.22 19.11
N GLY A 119 29.13 8.32 18.41
CA GLY A 119 30.40 9.04 18.69
C GLY A 119 31.60 8.09 18.60
N GLY A 120 31.52 7.11 17.70
CA GLY A 120 32.60 6.16 17.36
C GLY A 120 32.88 5.08 18.40
N LYS A 121 31.94 4.88 19.34
CA LYS A 121 32.09 3.87 20.42
C LYS A 121 31.12 2.71 20.14
N ASP A 122 31.43 1.54 20.70
CA ASP A 122 30.55 0.36 20.66
C ASP A 122 29.59 0.54 21.82
N ARG A 123 28.31 0.75 21.48
CA ARG A 123 27.25 0.96 22.46
C ARG A 123 26.19 -0.16 22.37
N LEU A 124 26.54 -1.33 21.87
CA LEU A 124 25.58 -2.46 21.79
C LEU A 124 25.00 -2.67 23.16
N THR A 125 25.79 -2.96 24.19
CA THR A 125 25.26 -3.35 25.50
C THR A 125 24.50 -2.18 26.13
N GLN A 126 25.03 -0.97 26.03
CA GLN A 126 24.39 0.22 26.64
C GLN A 126 22.99 0.38 26.03
N SER A 127 22.94 0.35 24.72
CA SER A 127 21.66 0.63 24.01
C SER A 127 20.67 -0.51 24.25
N LEU A 128 21.15 -1.75 24.12
CA LEU A 128 20.26 -2.93 24.32
C LEU A 128 19.73 -2.96 25.75
N ASN A 129 20.54 -2.64 26.75
CA ASN A 129 20.06 -2.67 28.14
C ASN A 129 19.00 -1.60 28.34
N HIS A 130 19.16 -0.42 27.71
CA HIS A 130 18.11 0.61 27.84
C HIS A 130 16.83 0.19 27.11
N LEU A 131 16.97 -0.50 25.99
CA LEU A 131 15.83 -1.12 25.27
C LEU A 131 15.10 -2.08 26.21
N PHE A 132 15.81 -3.00 26.84
CA PHE A 132 15.16 -3.94 27.76
C PHE A 132 14.50 -3.20 28.90
N THR A 133 15.16 -2.22 29.53
CA THR A 133 14.59 -1.50 30.67
C THR A 133 13.21 -0.95 30.28
N ALA A 134 13.09 -0.43 29.06
CA ALA A 134 11.82 0.16 28.62
C ALA A 134 10.82 -0.90 28.21
N MET A 135 11.23 -1.89 27.44
CA MET A 135 10.30 -2.78 26.75
C MET A 135 9.93 -3.98 27.62
N ASP A 136 10.64 -4.26 28.69
CA ASP A 136 10.33 -5.49 29.48
C ASP A 136 8.92 -5.49 30.01
N SER A 137 8.35 -4.34 30.32
CA SER A 137 7.01 -4.25 30.93
C SER A 137 5.92 -4.24 29.86
N THR A 138 6.30 -4.17 28.57
CA THR A 138 5.34 -4.24 27.45
C THR A 138 5.10 -5.70 27.08
N ASP A 139 3.97 -5.97 26.43
CA ASP A 139 3.60 -7.34 26.04
C ASP A 139 3.64 -7.48 24.51
N ALA A 140 4.30 -6.55 23.82
CA ALA A 140 4.52 -6.72 22.36
C ALA A 140 5.69 -7.70 22.12
N ASP A 141 5.60 -8.49 21.07
CA ASP A 141 6.79 -9.22 20.56
C ASP A 141 7.76 -8.17 20.01
N VAL A 142 8.99 -8.15 20.49
CA VAL A 142 10.00 -7.16 20.04
C VAL A 142 11.00 -7.91 19.18
N VAL A 143 11.24 -7.39 18.01
CA VAL A 143 12.21 -7.94 17.03
C VAL A 143 13.24 -6.87 16.77
N ILE A 144 14.46 -7.13 17.21
CA ILE A 144 15.58 -6.19 17.06
C ILE A 144 16.25 -6.45 15.72
N TYR A 145 16.51 -5.40 14.95
CA TYR A 145 17.16 -5.53 13.63
C TYR A 145 18.56 -4.94 13.70
N CYS A 146 19.53 -5.70 13.23
CA CYS A 146 20.95 -5.26 13.18
C CYS A 146 21.51 -5.63 11.82
N ARG A 147 22.74 -5.15 11.55
CA ARG A 147 23.43 -5.27 10.24
C ARG A 147 24.47 -6.40 10.27
N ASP A 148 25.24 -6.53 11.37
CA ASP A 148 26.50 -7.32 11.39
C ASP A 148 26.33 -8.63 12.18
N LYS A 149 26.93 -9.71 11.69
CA LYS A 149 26.88 -11.07 12.30
C LYS A 149 27.36 -11.02 13.75
N GLU A 150 28.41 -10.27 14.05
CA GLU A 150 28.98 -10.24 15.43
C GLU A 150 28.00 -9.51 16.37
N TRP A 151 27.32 -8.47 15.88
CA TRP A 151 26.24 -7.82 16.66
C TRP A 151 25.08 -8.81 16.85
N GLU A 152 24.70 -9.53 15.80
CA GLU A 152 23.58 -10.48 15.86
C GLU A 152 23.87 -11.51 16.97
N LYS A 153 25.11 -12.02 16.98
CA LYS A 153 25.53 -13.07 17.93
C LYS A 153 25.45 -12.51 19.36
N LYS A 154 26.00 -11.33 19.58
CA LYS A 154 26.01 -10.69 20.92
C LYS A 154 24.58 -10.40 21.39
N ILE A 155 23.74 -9.86 20.51
CA ILE A 155 22.34 -9.51 20.90
C ILE A 155 21.59 -10.81 21.24
N SER A 156 21.79 -11.85 20.42
CA SER A 156 21.13 -13.14 20.64
C SER A 156 21.55 -13.69 22.00
N GLU A 157 22.84 -13.64 22.28
CA GLU A 157 23.40 -14.16 23.57
C GLU A 157 22.75 -13.42 24.72
N ALA A 158 22.62 -12.10 24.62
CA ALA A 158 22.08 -11.28 25.71
C ALA A 158 20.62 -11.64 25.94
N ILE A 159 19.88 -11.90 24.86
CA ILE A 159 18.46 -12.31 25.00
C ILE A 159 18.40 -13.67 25.69
N GLN A 160 19.17 -14.64 25.21
CA GLN A 160 19.12 -16.04 25.72
C GLN A 160 19.54 -16.08 27.19
N MET A 161 20.49 -15.25 27.59
CA MET A 161 21.04 -15.19 28.98
C MET A 161 19.90 -14.94 29.99
N ARG A 162 18.92 -14.10 29.65
CA ARG A 162 17.82 -13.74 30.58
C ARG A 162 16.78 -14.87 30.57
N THR A 163 16.82 -15.69 29.51
CA THR A 163 16.32 -17.09 29.30
C THR A 163 15.67 -17.14 27.92
N GLY B 1 -0.64 -34.53 2.17
CA GLY B 1 -0.72 -34.42 0.69
C GLY B 1 -1.92 -33.62 0.25
N ALA B 2 -1.91 -33.12 -0.99
CA ALA B 2 -3.09 -32.50 -1.62
C ALA B 2 -4.13 -33.60 -1.83
N MET B 3 -5.41 -33.26 -1.73
CA MET B 3 -6.50 -34.27 -1.86
C MET B 3 -6.36 -34.96 -3.22
N ALA B 4 -5.96 -34.19 -4.22
CA ALA B 4 -5.88 -34.63 -5.62
C ALA B 4 -4.62 -34.00 -6.21
N PRO B 5 -3.41 -34.54 -5.90
CA PRO B 5 -2.17 -33.86 -6.28
C PRO B 5 -2.22 -33.44 -7.75
N SER B 6 -1.85 -32.18 -8.03
CA SER B 6 -1.86 -31.59 -9.38
C SER B 6 -0.58 -30.79 -9.63
N TYR B 7 -0.42 -30.46 -10.90
CA TYR B 7 0.48 -29.40 -11.41
C TYR B 7 -0.39 -28.24 -11.91
N ARG B 8 0.02 -27.01 -11.57
CA ARG B 8 -0.58 -25.76 -12.13
C ARG B 8 0.56 -24.85 -12.60
N VAL B 9 0.34 -24.09 -13.68
CA VAL B 9 1.30 -23.01 -14.08
C VAL B 9 0.62 -21.64 -13.90
N LYS B 10 1.31 -20.74 -13.19
CA LYS B 10 0.97 -19.30 -13.08
C LYS B 10 2.05 -18.49 -13.81
N ARG B 11 1.62 -17.54 -14.66
CA ARG B 11 2.52 -16.55 -15.30
C ARG B 11 2.45 -15.32 -14.43
N MET B 12 3.25 -15.30 -13.38
CA MET B 12 3.37 -14.16 -12.46
C MET B 12 4.65 -14.34 -11.65
N ASP B 13 5.03 -13.31 -10.89
CA ASP B 13 6.21 -13.34 -9.98
C ASP B 13 5.98 -14.51 -9.02
N ILE B 14 6.98 -15.39 -8.87
CA ILE B 14 6.92 -16.51 -7.88
C ILE B 14 6.92 -15.93 -6.46
N ALA B 15 7.52 -14.77 -6.26
CA ALA B 15 7.59 -14.10 -4.93
C ALA B 15 6.20 -13.84 -4.27
N LYS B 16 5.15 -13.70 -5.08
CA LYS B 16 3.77 -13.47 -4.60
C LYS B 16 3.03 -14.82 -4.63
N ASN B 17 3.64 -15.86 -4.03
CA ASN B 17 3.08 -17.23 -3.99
C ASN B 17 2.19 -17.39 -2.76
N ASP B 18 1.04 -18.06 -2.95
CA ASP B 18 0.12 -18.51 -1.88
C ASP B 18 0.24 -20.03 -1.73
N GLU B 19 1.19 -20.63 -2.45
CA GLU B 19 1.45 -22.07 -2.13
C GLU B 19 2.12 -22.04 -0.78
N GLU B 20 2.27 -23.19 -0.13
CA GLU B 20 2.72 -23.37 1.26
C GLU B 20 4.24 -23.29 1.44
N CYS B 21 4.99 -23.31 0.35
CA CYS B 21 6.46 -23.09 0.41
C CYS B 21 6.89 -22.70 -0.99
N VAL B 22 8.15 -22.27 -1.07
CA VAL B 22 8.75 -21.66 -2.29
C VAL B 22 10.09 -22.35 -2.60
N VAL B 23 10.33 -22.62 -3.89
CA VAL B 23 11.68 -23.03 -4.36
C VAL B 23 12.29 -21.74 -4.92
N ASN B 24 13.41 -21.41 -4.36
CA ASN B 24 14.29 -20.38 -4.96
C ASN B 24 15.24 -20.99 -6.00
N ALA B 25 15.37 -20.32 -7.13
CA ALA B 25 16.40 -20.62 -8.14
C ALA B 25 17.70 -19.99 -7.59
N ALA B 26 18.33 -20.60 -6.60
CA ALA B 26 19.44 -20.03 -5.84
C ALA B 26 20.75 -20.06 -6.63
N ASN B 27 21.70 -19.26 -6.19
CA ASN B 27 23.12 -19.46 -6.54
C ASN B 27 23.81 -20.23 -5.42
N PRO B 28 25.01 -20.78 -5.62
CA PRO B 28 25.65 -21.63 -4.62
C PRO B 28 26.07 -20.86 -3.36
N ARG B 29 26.13 -19.53 -3.45
CA ARG B 29 26.79 -18.75 -2.41
C ARG B 29 25.77 -18.08 -1.51
N GLY B 30 24.47 -18.20 -1.79
CA GLY B 30 23.42 -17.51 -0.99
C GLY B 30 23.48 -16.01 -1.16
N LEU B 31 23.93 -15.56 -2.31
CA LEU B 31 23.86 -14.14 -2.73
C LEU B 31 22.49 -13.78 -3.27
N PRO B 32 22.09 -12.47 -3.29
CA PRO B 32 20.83 -12.05 -3.89
C PRO B 32 20.59 -12.44 -5.35
N GLY B 33 21.65 -12.40 -6.13
CA GLY B 33 21.61 -12.91 -7.50
C GLY B 33 20.68 -12.13 -8.40
N ASP B 34 20.04 -12.82 -9.36
CA ASP B 34 19.27 -12.23 -10.47
C ASP B 34 17.97 -13.02 -10.66
N GLY B 35 17.02 -12.45 -11.42
CA GLY B 35 15.77 -13.13 -11.78
C GLY B 35 14.97 -13.58 -10.57
N VAL B 36 14.55 -14.85 -10.55
CA VAL B 36 13.74 -15.36 -9.43
C VAL B 36 14.49 -15.16 -8.11
N CYS B 37 15.81 -15.37 -8.07
CA CYS B 37 16.59 -15.28 -6.83
C CYS B 37 16.48 -13.87 -6.26
N LYS B 38 16.56 -12.86 -7.12
CA LYS B 38 16.49 -11.46 -6.66
C LYS B 38 15.06 -11.21 -6.14
N ALA B 39 14.04 -11.69 -6.86
CA ALA B 39 12.63 -11.58 -6.42
C ALA B 39 12.47 -12.21 -5.04
N VAL B 40 13.05 -13.39 -4.84
CA VAL B 40 12.93 -14.16 -3.59
C VAL B 40 13.71 -13.42 -2.52
N TYR B 41 14.85 -12.83 -2.85
CA TYR B 41 15.61 -12.03 -1.87
C TYR B 41 14.86 -10.75 -1.42
N LYS B 42 14.17 -10.11 -2.37
CA LYS B 42 13.36 -8.86 -2.19
C LYS B 42 12.23 -9.19 -1.20
N LYS B 43 11.54 -10.32 -1.44
CA LYS B 43 10.30 -10.75 -0.73
C LYS B 43 10.61 -11.44 0.61
N TRP B 44 11.54 -12.39 0.64
CA TRP B 44 11.88 -13.20 1.84
C TRP B 44 13.36 -13.09 2.14
N PRO B 45 13.93 -11.89 2.38
CA PRO B 45 15.36 -11.75 2.65
C PRO B 45 15.89 -12.56 3.85
N GLU B 46 15.05 -12.77 4.86
CA GLU B 46 15.32 -13.56 6.07
C GLU B 46 15.81 -14.96 5.65
N SER B 47 15.34 -15.48 4.51
CA SER B 47 15.60 -16.88 4.09
C SER B 47 17.02 -17.13 3.54
N PHE B 48 17.96 -16.15 3.46
CA PHE B 48 19.32 -16.26 2.92
C PHE B 48 20.41 -16.48 3.97
N LYS B 49 20.03 -16.52 5.25
CA LYS B 49 20.98 -16.85 6.33
C LYS B 49 21.48 -18.27 6.13
N ASN B 50 22.79 -18.43 5.88
CA ASN B 50 23.49 -19.73 5.71
C ASN B 50 22.77 -20.57 4.67
N SER B 51 22.35 -19.95 3.55
CA SER B 51 21.62 -20.67 2.46
C SER B 51 22.64 -21.20 1.44
N ALA B 52 23.91 -20.82 1.51
CA ALA B 52 24.97 -21.34 0.58
C ALA B 52 24.96 -22.90 0.54
N THR B 53 24.89 -23.49 -0.64
CA THR B 53 24.92 -24.97 -0.84
C THR B 53 25.46 -25.25 -2.25
N PRO B 54 26.01 -26.45 -2.51
CA PRO B 54 26.59 -26.75 -3.79
C PRO B 54 25.57 -26.92 -4.90
N VAL B 55 26.08 -26.81 -6.11
CA VAL B 55 25.28 -27.13 -7.32
C VAL B 55 24.72 -28.54 -7.19
N GLY B 56 23.47 -28.70 -7.61
CA GLY B 56 22.82 -30.01 -7.57
C GLY B 56 22.17 -30.32 -6.23
N THR B 57 22.16 -29.38 -5.30
CA THR B 57 21.57 -29.57 -3.96
C THR B 57 20.49 -28.54 -3.67
N ALA B 58 19.71 -28.83 -2.64
CA ALA B 58 18.70 -27.93 -2.09
C ALA B 58 18.91 -27.80 -0.59
N LYS B 59 18.84 -26.56 -0.10
CA LYS B 59 18.95 -26.23 1.34
C LYS B 59 17.76 -25.37 1.74
N THR B 60 16.96 -25.82 2.71
CA THR B 60 15.74 -25.11 3.16
C THR B 60 16.06 -24.24 4.38
N VAL B 61 15.54 -23.00 4.30
CA VAL B 61 15.58 -21.96 5.36
C VAL B 61 14.19 -21.34 5.49
N MET B 62 13.72 -21.26 6.73
CA MET B 62 12.38 -20.70 7.03
C MET B 62 12.44 -19.18 6.92
N CYS B 63 11.34 -18.59 6.45
CA CYS B 63 11.02 -17.15 6.59
C CYS B 63 9.78 -17.06 7.50
N GLY B 64 10.02 -17.02 8.81
CA GLY B 64 9.00 -17.27 9.85
C GLY B 64 8.48 -18.70 9.76
N THR B 65 7.23 -18.88 9.31
CA THR B 65 6.56 -20.19 9.15
C THR B 65 6.60 -20.63 7.68
N TYR B 66 7.24 -19.87 6.80
CA TYR B 66 7.18 -20.07 5.32
C TYR B 66 8.51 -20.66 4.83
N PRO B 67 8.52 -21.93 4.35
CA PRO B 67 9.74 -22.57 3.86
C PRO B 67 10.22 -22.03 2.51
N VAL B 68 11.50 -21.65 2.50
CA VAL B 68 12.32 -21.26 1.32
C VAL B 68 13.29 -22.40 1.00
N ILE B 69 13.02 -23.12 -0.08
CA ILE B 69 13.91 -24.22 -0.53
C ILE B 69 14.89 -23.69 -1.60
N HIS B 70 16.11 -23.46 -1.16
CA HIS B 70 17.16 -22.89 -2.07
C HIS B 70 17.75 -24.04 -2.91
N ALA B 71 17.34 -24.09 -4.17
CA ALA B 71 17.72 -25.19 -5.10
C ALA B 71 18.75 -24.61 -6.08
N VAL B 72 19.93 -25.21 -6.11
CA VAL B 72 21.04 -24.67 -6.94
C VAL B 72 21.17 -25.47 -8.24
N GLY B 73 20.60 -24.96 -9.29
CA GLY B 73 20.80 -25.53 -10.63
C GLY B 73 22.14 -25.10 -11.18
N PRO B 74 22.66 -25.86 -12.14
CA PRO B 74 23.93 -25.52 -12.77
C PRO B 74 23.78 -24.29 -13.65
N ASN B 75 24.87 -23.52 -13.72
CA ASN B 75 25.04 -22.46 -14.73
C ASN B 75 25.61 -23.10 -15.98
N PHE B 76 24.81 -23.22 -17.01
CA PHE B 76 25.24 -23.82 -18.29
C PHE B 76 26.31 -22.96 -18.99
N SER B 77 26.59 -21.75 -18.52
CA SER B 77 27.79 -21.00 -19.00
C SER B 77 29.04 -21.76 -18.55
N ASN B 78 28.99 -22.48 -17.44
CA ASN B 78 30.16 -23.11 -16.78
C ASN B 78 30.21 -24.61 -17.00
N TYR B 79 29.06 -25.27 -16.99
CA TYR B 79 28.89 -26.75 -17.12
C TYR B 79 28.74 -27.12 -18.59
N THR B 80 29.27 -28.30 -18.92
CA THR B 80 28.92 -28.91 -20.21
C THR B 80 27.46 -29.34 -20.24
N GLU B 81 26.92 -29.57 -21.40
CA GLU B 81 25.52 -30.01 -21.55
C GLU B 81 25.38 -31.31 -20.73
N SER B 82 26.31 -32.21 -20.82
CA SER B 82 26.20 -33.52 -20.14
C SER B 82 26.25 -33.33 -18.62
N GLU B 83 27.24 -32.60 -18.12
CA GLU B 83 27.42 -32.51 -16.67
C GLU B 83 26.29 -31.64 -16.11
N GLY B 84 25.91 -30.60 -16.81
CA GLY B 84 24.79 -29.73 -16.36
C GLY B 84 23.51 -30.50 -16.32
N ASP B 85 23.27 -31.36 -17.30
CA ASP B 85 21.98 -32.11 -17.30
C ASP B 85 21.90 -32.95 -16.04
N ARG B 86 22.97 -33.58 -15.59
CA ARG B 86 22.99 -34.44 -14.41
C ARG B 86 22.73 -33.56 -13.18
N GLU B 87 23.38 -32.39 -13.09
CA GLU B 87 23.22 -31.53 -11.90
C GLU B 87 21.82 -30.94 -11.85
N LEU B 88 21.22 -30.64 -12.97
CA LEU B 88 19.86 -30.06 -13.00
C LEU B 88 18.88 -31.12 -12.52
N ALA B 89 18.99 -32.35 -12.97
CA ALA B 89 18.16 -33.46 -12.48
C ALA B 89 18.37 -33.61 -10.98
N ALA B 90 19.60 -33.54 -10.48
CA ALA B 90 19.94 -33.71 -9.06
C ALA B 90 19.26 -32.62 -8.23
N ALA B 91 19.31 -31.38 -8.66
CA ALA B 91 18.75 -30.27 -7.87
C ALA B 91 17.27 -30.56 -7.70
N TYR B 92 16.57 -30.94 -8.77
CA TYR B 92 15.12 -31.20 -8.63
C TYR B 92 14.89 -32.41 -7.71
N ARG B 93 15.69 -33.45 -7.79
CA ARG B 93 15.53 -34.60 -6.88
C ARG B 93 15.64 -34.15 -5.43
N GLU B 94 16.57 -33.25 -5.10
N GLU B 94 16.55 -33.24 -5.12
CA GLU B 94 16.69 -32.71 -3.72
CA GLU B 94 16.72 -32.73 -3.74
C GLU B 94 15.47 -31.87 -3.38
C GLU B 94 15.51 -31.86 -3.38
N VAL B 95 14.94 -31.12 -4.32
CA VAL B 95 13.69 -30.36 -4.05
C VAL B 95 12.59 -31.36 -3.65
N ALA B 96 12.43 -32.45 -4.36
CA ALA B 96 11.36 -33.41 -4.06
C ALA B 96 11.59 -33.99 -2.66
N LYS B 97 12.80 -34.32 -2.27
CA LYS B 97 13.11 -34.80 -0.90
C LYS B 97 12.73 -33.73 0.12
N GLU B 98 13.04 -32.47 -0.09
CA GLU B 98 12.74 -31.40 0.89
C GLU B 98 11.25 -31.21 0.99
N VAL B 99 10.55 -31.12 -0.12
CA VAL B 99 9.10 -30.91 -0.11
C VAL B 99 8.49 -32.06 0.70
N THR B 100 8.95 -33.28 0.46
CA THR B 100 8.40 -34.46 1.18
C THR B 100 8.69 -34.29 2.68
N ARG B 101 9.92 -33.96 3.02
CA ARG B 101 10.35 -33.84 4.45
C ARG B 101 9.50 -32.78 5.13
N LEU B 102 9.18 -31.68 4.47
CA LEU B 102 8.49 -30.52 5.09
C LEU B 102 7.01 -30.85 5.34
N GLY B 103 6.44 -31.82 4.63
CA GLY B 103 5.03 -32.18 4.83
C GLY B 103 4.05 -31.17 4.27
N VAL B 104 4.50 -30.24 3.41
CA VAL B 104 3.61 -29.25 2.76
C VAL B 104 2.63 -29.98 1.83
N ASN B 105 1.46 -29.39 1.61
CA ASN B 105 0.50 -29.86 0.60
C ASN B 105 0.64 -29.07 -0.69
N SER B 106 1.47 -28.00 -0.72
CA SER B 106 1.67 -27.17 -1.92
C SER B 106 3.12 -26.60 -1.93
N VAL B 107 3.55 -26.30 -3.15
CA VAL B 107 4.92 -25.76 -3.42
C VAL B 107 4.84 -25.01 -4.73
N ALA B 108 5.41 -23.79 -4.65
CA ALA B 108 5.70 -22.89 -5.79
C ALA B 108 7.13 -23.17 -6.28
N ILE B 109 7.27 -23.46 -7.56
N ILE B 109 7.24 -23.54 -7.55
CA ILE B 109 8.59 -23.84 -8.13
CA ILE B 109 8.52 -23.94 -8.22
C ILE B 109 8.82 -23.15 -9.47
C ILE B 109 8.76 -23.04 -9.42
N PRO B 110 10.02 -22.53 -9.62
CA PRO B 110 10.42 -21.95 -10.89
C PRO B 110 11.16 -23.00 -11.70
N LEU B 111 11.38 -22.76 -12.99
CA LEU B 111 12.17 -23.65 -13.84
C LEU B 111 13.66 -23.33 -13.65
N LEU B 112 14.35 -24.19 -12.92
CA LEU B 112 15.78 -24.04 -12.62
C LEU B 112 16.55 -24.05 -13.93
N SER B 113 17.59 -23.22 -13.92
CA SER B 113 18.63 -23.14 -14.99
C SER B 113 18.02 -22.61 -16.30
N THR B 114 16.91 -21.85 -16.26
CA THR B 114 16.30 -21.27 -17.50
C THR B 114 16.56 -19.78 -17.72
N GLY B 115 17.10 -19.09 -16.76
CA GLY B 115 17.27 -17.64 -16.98
C GLY B 115 18.73 -17.34 -17.22
N VAL B 116 19.32 -16.65 -16.27
CA VAL B 116 20.75 -16.27 -16.34
C VAL B 116 21.64 -17.50 -16.20
N TYR B 117 21.13 -18.68 -15.82
CA TYR B 117 21.93 -19.94 -15.81
C TYR B 117 21.71 -20.79 -17.07
N SER B 118 20.97 -20.32 -18.09
CA SER B 118 20.67 -21.13 -19.29
C SER B 118 21.83 -21.26 -20.29
N GLY B 119 22.86 -20.40 -20.16
CA GLY B 119 23.92 -20.36 -21.18
C GLY B 119 23.37 -19.84 -22.51
N GLY B 120 22.32 -19.05 -22.47
CA GLY B 120 21.69 -18.47 -23.68
C GLY B 120 20.85 -19.46 -24.46
N LYS B 121 20.51 -20.65 -23.92
CA LYS B 121 19.68 -21.65 -24.63
C LYS B 121 18.27 -21.67 -24.03
N ASP B 122 17.27 -22.01 -24.83
CA ASP B 122 15.89 -22.24 -24.36
C ASP B 122 15.85 -23.61 -23.67
N ARG B 123 15.66 -23.63 -22.35
CA ARG B 123 15.69 -24.91 -21.59
C ARG B 123 14.32 -25.21 -20.95
N LEU B 124 13.23 -24.64 -21.44
CA LEU B 124 11.90 -24.89 -20.84
C LEU B 124 11.67 -26.40 -20.80
N THR B 125 11.74 -27.09 -21.92
CA THR B 125 11.42 -28.54 -22.02
C THR B 125 12.37 -29.33 -21.12
N GLN B 126 13.65 -29.07 -21.17
CA GLN B 126 14.66 -29.76 -20.34
C GLN B 126 14.34 -29.55 -18.87
N SER B 127 14.16 -28.32 -18.43
CA SER B 127 13.97 -28.04 -17.00
C SER B 127 12.65 -28.63 -16.54
N LEU B 128 11.60 -28.47 -17.32
CA LEU B 128 10.27 -29.01 -16.95
C LEU B 128 10.35 -30.54 -16.89
N ASN B 129 11.07 -31.21 -17.77
CA ASN B 129 11.17 -32.70 -17.78
C ASN B 129 11.83 -33.12 -16.47
N HIS B 130 12.86 -32.41 -16.03
CA HIS B 130 13.54 -32.80 -14.77
C HIS B 130 12.65 -32.49 -13.57
N LEU B 131 11.88 -31.43 -13.63
CA LEU B 131 10.92 -31.07 -12.58
C LEU B 131 9.91 -32.21 -12.42
N PHE B 132 9.28 -32.62 -13.51
CA PHE B 132 8.30 -33.74 -13.48
C PHE B 132 8.96 -35.02 -12.97
N THR B 133 10.15 -35.36 -13.47
CA THR B 133 10.82 -36.62 -13.08
C THR B 133 10.94 -36.68 -11.55
N ALA B 134 11.30 -35.56 -10.91
CA ALA B 134 11.46 -35.48 -9.45
C ALA B 134 10.10 -35.40 -8.76
N MET B 135 9.19 -34.55 -9.23
CA MET B 135 8.04 -34.18 -8.43
C MET B 135 6.90 -35.18 -8.69
N ASP B 136 6.93 -36.01 -9.71
CA ASP B 136 5.75 -36.86 -10.06
C ASP B 136 5.39 -37.76 -8.88
N SER B 137 6.37 -38.27 -8.14
CA SER B 137 6.13 -39.23 -7.03
C SER B 137 5.69 -38.51 -5.73
N THR B 138 5.73 -37.19 -5.68
CA THR B 138 5.32 -36.42 -4.49
C THR B 138 3.82 -36.18 -4.60
N ASP B 139 3.20 -35.91 -3.45
CA ASP B 139 1.74 -35.64 -3.40
C ASP B 139 1.43 -34.19 -3.13
N ALA B 140 2.41 -33.28 -3.22
CA ALA B 140 2.13 -31.86 -3.02
C ALA B 140 1.51 -31.27 -4.29
N ASP B 141 0.58 -30.31 -4.15
CA ASP B 141 0.17 -29.52 -5.31
C ASP B 141 1.37 -28.67 -5.74
N VAL B 142 1.76 -28.83 -6.99
CA VAL B 142 2.92 -28.07 -7.53
C VAL B 142 2.40 -26.96 -8.43
N VAL B 143 2.83 -25.73 -8.12
CA VAL B 143 2.50 -24.53 -8.94
C VAL B 143 3.82 -24.03 -9.54
N ILE B 144 3.90 -24.17 -10.84
CA ILE B 144 5.09 -23.75 -11.62
C ILE B 144 4.90 -22.28 -11.98
N TYR B 145 5.93 -21.46 -11.77
CA TYR B 145 5.90 -20.01 -12.11
C TYR B 145 6.81 -19.71 -13.28
N CYS B 146 6.31 -18.89 -14.20
CA CYS B 146 7.07 -18.36 -15.36
C CYS B 146 6.69 -16.86 -15.52
N ARG B 147 7.36 -16.16 -16.41
CA ARG B 147 7.06 -14.72 -16.67
C ARG B 147 6.56 -14.49 -18.10
N ASP B 148 7.11 -15.25 -19.06
CA ASP B 148 6.80 -15.15 -20.51
C ASP B 148 5.47 -15.85 -20.79
N LYS B 149 4.62 -15.26 -21.63
CA LYS B 149 3.28 -15.80 -21.95
C LYS B 149 3.39 -17.01 -22.89
N GLU B 150 4.41 -17.06 -23.77
CA GLU B 150 4.65 -18.23 -24.63
C GLU B 150 5.09 -19.38 -23.71
N TRP B 151 5.83 -19.05 -22.66
CA TRP B 151 6.32 -20.09 -21.70
C TRP B 151 5.10 -20.65 -20.96
N GLU B 152 4.26 -19.79 -20.38
CA GLU B 152 2.98 -20.21 -19.74
C GLU B 152 2.24 -21.19 -20.66
N LYS B 153 2.02 -20.80 -21.91
CA LYS B 153 1.34 -21.62 -22.96
C LYS B 153 1.98 -23.01 -23.00
N LYS B 154 3.30 -23.08 -23.24
CA LYS B 154 4.02 -24.35 -23.51
C LYS B 154 4.01 -25.26 -22.28
N ILE B 155 4.11 -24.68 -21.09
CA ILE B 155 4.10 -25.42 -19.78
C ILE B 155 2.69 -25.98 -19.56
N SER B 156 1.72 -25.06 -19.56
CA SER B 156 0.28 -25.35 -19.34
C SER B 156 -0.10 -26.53 -20.25
N GLU B 157 0.36 -26.52 -21.51
CA GLU B 157 0.11 -27.57 -22.54
C GLU B 157 0.84 -28.86 -22.18
N ALA B 158 2.13 -28.77 -21.80
CA ALA B 158 2.93 -29.91 -21.30
C ALA B 158 2.17 -30.62 -20.17
N ILE B 159 1.58 -29.89 -19.22
CA ILE B 159 0.80 -30.41 -18.06
C ILE B 159 -0.42 -31.17 -18.60
N GLN B 160 -1.20 -30.54 -19.50
CA GLN B 160 -2.54 -31.04 -19.92
C GLN B 160 -2.37 -32.31 -20.75
N MET B 161 -1.31 -32.38 -21.54
CA MET B 161 -0.99 -33.49 -22.46
C MET B 161 -0.81 -34.80 -21.67
N ARG B 162 -0.58 -34.69 -20.36
CA ARG B 162 -0.18 -35.84 -19.50
C ARG B 162 -1.38 -36.45 -18.79
N THR B 163 -2.48 -35.71 -18.67
CA THR B 163 -3.63 -36.02 -17.79
C THR B 163 -4.84 -36.33 -18.66
N GLY C 1 -22.59 11.17 -11.93
CA GLY C 1 -22.47 11.01 -10.45
C GLY C 1 -23.83 10.99 -9.77
N ALA C 2 -23.89 10.42 -8.56
CA ALA C 2 -25.07 10.49 -7.68
C ALA C 2 -25.30 11.96 -7.30
N MET C 3 -26.56 12.38 -7.16
CA MET C 3 -26.92 13.78 -6.86
C MET C 3 -26.37 14.18 -5.48
N ALA C 4 -26.29 13.25 -4.54
CA ALA C 4 -25.75 13.49 -3.19
C ALA C 4 -24.96 12.26 -2.80
N PRO C 5 -23.71 12.14 -3.33
CA PRO C 5 -22.95 10.92 -3.13
C PRO C 5 -22.88 10.48 -1.66
N SER C 6 -23.15 9.22 -1.42
CA SER C 6 -23.24 8.64 -0.08
C SER C 6 -22.50 7.32 0.07
N TYR C 7 -22.32 6.90 1.30
CA TYR C 7 -21.93 5.54 1.68
C TYR C 7 -23.07 4.87 2.42
N ARG C 8 -23.34 3.62 2.12
CA ARG C 8 -24.29 2.76 2.82
C ARG C 8 -23.64 1.41 3.04
N VAL C 9 -24.14 0.66 3.99
CA VAL C 9 -23.73 -0.73 4.21
C VAL C 9 -24.97 -1.61 4.25
N LYS C 10 -24.81 -2.80 3.69
CA LYS C 10 -25.84 -3.86 3.63
C LYS C 10 -25.22 -5.17 4.04
N ARG C 11 -25.95 -5.89 4.89
CA ARG C 11 -25.65 -7.29 5.25
C ARG C 11 -26.44 -8.16 4.26
N MET C 12 -25.81 -8.60 3.18
CA MET C 12 -26.49 -9.19 2.01
C MET C 12 -25.44 -9.75 1.06
N ASP C 13 -25.79 -10.75 0.26
CA ASP C 13 -24.92 -11.31 -0.79
C ASP C 13 -24.69 -10.23 -1.84
N ILE C 14 -23.44 -9.88 -2.08
CA ILE C 14 -23.05 -8.83 -3.05
C ILE C 14 -23.48 -9.31 -4.44
N ALA C 15 -23.67 -10.62 -4.61
CA ALA C 15 -24.02 -11.16 -5.94
C ALA C 15 -25.45 -10.76 -6.30
N LYS C 16 -26.19 -10.24 -5.31
N LYS C 16 -26.22 -10.27 -5.32
CA LYS C 16 -27.60 -9.79 -5.44
CA LYS C 16 -27.61 -9.77 -5.53
C LYS C 16 -27.67 -8.27 -5.23
C LYS C 16 -27.67 -8.27 -5.23
N ASN C 17 -26.59 -7.54 -5.49
CA ASN C 17 -26.58 -6.09 -5.26
C ASN C 17 -27.58 -5.34 -6.15
N ASP C 18 -27.86 -4.11 -5.77
CA ASP C 18 -28.76 -3.17 -6.48
C ASP C 18 -28.01 -1.97 -7.07
N GLU C 19 -26.72 -2.13 -7.36
CA GLU C 19 -25.90 -1.05 -7.91
C GLU C 19 -25.52 -1.30 -9.37
N GLU C 20 -24.92 -0.30 -9.97
CA GLU C 20 -24.63 -0.26 -11.44
C GLU C 20 -23.40 -1.09 -11.79
N CYS C 21 -22.61 -1.49 -10.80
CA CYS C 21 -21.44 -2.33 -11.02
C CYS C 21 -20.99 -2.95 -9.70
N VAL C 22 -20.16 -3.97 -9.79
CA VAL C 22 -19.73 -4.73 -8.59
C VAL C 22 -18.22 -4.80 -8.55
N VAL C 23 -17.68 -4.72 -7.31
CA VAL C 23 -16.23 -5.01 -7.10
C VAL C 23 -16.12 -6.43 -6.60
N ASN C 24 -15.34 -7.24 -7.33
CA ASN C 24 -15.00 -8.61 -6.90
C ASN C 24 -13.73 -8.56 -6.04
N ALA C 25 -13.77 -9.25 -4.91
CA ALA C 25 -12.53 -9.52 -4.14
C ALA C 25 -11.80 -10.67 -4.83
N ALA C 26 -11.10 -10.31 -5.88
CA ALA C 26 -10.49 -11.22 -6.86
C ALA C 26 -9.16 -11.80 -6.34
N ASN C 27 -8.68 -12.82 -7.04
CA ASN C 27 -7.35 -13.43 -6.82
C ASN C 27 -6.57 -13.10 -8.08
N PRO C 28 -5.21 -13.04 -8.02
CA PRO C 28 -4.43 -12.54 -9.15
C PRO C 28 -4.50 -13.40 -10.44
N ARG C 29 -4.92 -14.66 -10.32
CA ARG C 29 -5.00 -15.62 -11.46
C ARG C 29 -6.31 -15.41 -12.24
N GLY C 30 -7.35 -14.90 -11.58
CA GLY C 30 -8.67 -14.74 -12.20
C GLY C 30 -9.49 -16.02 -12.09
N LEU C 31 -9.29 -16.79 -11.02
CA LEU C 31 -9.99 -18.05 -10.68
C LEU C 31 -11.26 -17.79 -9.90
N PRO C 32 -12.24 -18.71 -10.00
CA PRO C 32 -13.42 -18.68 -9.14
C PRO C 32 -13.09 -18.37 -7.66
N GLY C 33 -11.97 -18.89 -7.15
CA GLY C 33 -11.59 -18.66 -5.74
C GLY C 33 -12.70 -19.10 -4.81
N ASP C 34 -12.84 -18.45 -3.64
CA ASP C 34 -13.86 -18.76 -2.61
C ASP C 34 -14.33 -17.44 -1.99
N GLY C 35 -15.30 -17.52 -1.08
CA GLY C 35 -15.93 -16.33 -0.49
C GLY C 35 -16.66 -15.53 -1.56
N VAL C 36 -16.55 -14.20 -1.46
CA VAL C 36 -17.18 -13.21 -2.39
C VAL C 36 -16.86 -13.61 -3.84
N CYS C 37 -15.59 -13.93 -4.10
CA CYS C 37 -15.09 -14.29 -5.46
C CYS C 37 -15.89 -15.45 -6.08
N LYS C 38 -16.25 -16.48 -5.30
CA LYS C 38 -17.04 -17.66 -5.80
C LYS C 38 -18.49 -17.27 -6.10
N ALA C 39 -19.19 -16.62 -5.17
CA ALA C 39 -20.52 -16.01 -5.36
C ALA C 39 -20.54 -15.14 -6.64
N VAL C 40 -19.49 -14.34 -6.82
CA VAL C 40 -19.33 -13.42 -7.98
C VAL C 40 -19.18 -14.30 -9.23
N TYR C 41 -18.38 -15.37 -9.15
CA TYR C 41 -18.09 -16.27 -10.28
C TYR C 41 -19.38 -16.95 -10.71
N LYS C 42 -20.22 -17.34 -9.76
CA LYS C 42 -21.49 -18.06 -10.03
C LYS C 42 -22.48 -17.09 -10.70
N LYS C 43 -22.52 -15.81 -10.26
CA LYS C 43 -23.45 -14.81 -10.83
C LYS C 43 -22.93 -14.29 -12.19
N TRP C 44 -21.64 -13.99 -12.29
CA TRP C 44 -21.08 -13.30 -13.49
C TRP C 44 -19.88 -14.05 -14.04
N PRO C 45 -20.03 -15.33 -14.40
CA PRO C 45 -18.88 -16.10 -14.84
C PRO C 45 -18.19 -15.52 -16.07
N GLU C 46 -18.94 -14.95 -17.01
CA GLU C 46 -18.35 -14.35 -18.23
C GLU C 46 -17.34 -13.24 -17.92
N SER C 47 -17.48 -12.61 -16.74
CA SER C 47 -16.55 -11.53 -16.30
C SER C 47 -15.17 -12.08 -15.92
N PHE C 48 -14.98 -13.41 -15.88
CA PHE C 48 -13.70 -14.07 -15.45
C PHE C 48 -12.84 -14.40 -16.69
N LYS C 49 -13.33 -14.04 -17.88
CA LYS C 49 -12.57 -14.08 -19.15
C LYS C 49 -11.41 -13.08 -19.08
N ASN C 50 -10.17 -13.56 -18.91
CA ASN C 50 -8.96 -12.70 -18.90
C ASN C 50 -9.08 -11.65 -17.78
N SER C 51 -9.61 -12.07 -16.65
CA SER C 51 -9.77 -11.23 -15.43
C SER C 51 -8.48 -11.22 -14.60
N ALA C 52 -7.49 -12.04 -14.90
CA ALA C 52 -6.24 -12.11 -14.11
C ALA C 52 -5.63 -10.71 -14.05
N THR C 53 -5.24 -10.27 -12.84
CA THR C 53 -4.59 -8.98 -12.63
C THR C 53 -3.79 -9.06 -11.32
N PRO C 54 -2.68 -8.30 -11.22
CA PRO C 54 -1.80 -8.45 -10.05
C PRO C 54 -2.37 -7.89 -8.74
N VAL C 55 -1.86 -8.41 -7.63
CA VAL C 55 -2.04 -7.80 -6.28
C VAL C 55 -1.82 -6.29 -6.40
N GLY C 56 -2.73 -5.52 -5.77
CA GLY C 56 -2.63 -4.07 -5.75
C GLY C 56 -3.30 -3.36 -6.90
N THR C 57 -3.96 -4.11 -7.78
CA THR C 57 -4.58 -3.57 -9.02
C THR C 57 -6.05 -3.99 -9.09
N ALA C 58 -6.74 -3.39 -10.06
CA ALA C 58 -8.11 -3.75 -10.42
C ALA C 58 -8.22 -3.78 -11.93
N LYS C 59 -9.03 -4.73 -12.40
CA LYS C 59 -9.33 -4.88 -13.84
C LYS C 59 -10.83 -5.13 -13.98
N THR C 60 -11.42 -4.33 -14.86
CA THR C 60 -12.85 -4.45 -15.17
C THR C 60 -13.09 -5.37 -16.37
N VAL C 61 -13.97 -6.33 -16.16
CA VAL C 61 -14.50 -7.12 -17.31
C VAL C 61 -16.02 -7.05 -17.25
N MET C 62 -16.62 -6.86 -18.43
CA MET C 62 -18.09 -6.83 -18.54
C MET C 62 -18.67 -8.24 -18.53
N CYS C 63 -19.78 -8.38 -17.86
CA CYS C 63 -20.68 -9.55 -17.98
C CYS C 63 -21.93 -9.01 -18.70
N GLY C 64 -22.03 -9.24 -20.01
CA GLY C 64 -22.99 -8.45 -20.82
C GLY C 64 -22.59 -6.99 -20.82
N THR C 65 -23.37 -6.09 -20.25
CA THR C 65 -22.98 -4.68 -20.06
C THR C 65 -22.71 -4.38 -18.57
N TYR C 66 -22.79 -5.39 -17.71
CA TYR C 66 -22.71 -5.17 -16.25
C TYR C 66 -21.22 -5.25 -15.85
N PRO C 67 -20.59 -4.15 -15.39
CA PRO C 67 -19.15 -4.17 -15.10
C PRO C 67 -18.83 -4.88 -13.78
N VAL C 68 -17.87 -5.81 -13.86
CA VAL C 68 -17.26 -6.48 -12.69
C VAL C 68 -15.83 -5.97 -12.56
N ILE C 69 -15.55 -5.23 -11.47
CA ILE C 69 -14.21 -4.65 -11.22
C ILE C 69 -13.47 -5.66 -10.33
N HIS C 70 -12.54 -6.43 -10.90
CA HIS C 70 -11.81 -7.48 -10.16
C HIS C 70 -10.63 -6.79 -9.44
N ALA C 71 -10.77 -6.64 -8.13
CA ALA C 71 -9.82 -5.91 -7.27
C ALA C 71 -9.07 -6.93 -6.44
N VAL C 72 -7.74 -6.86 -6.61
CA VAL C 72 -6.84 -7.88 -6.00
C VAL C 72 -6.13 -7.25 -4.78
N GLY C 73 -6.72 -7.45 -3.62
CA GLY C 73 -6.06 -7.13 -2.33
C GLY C 73 -4.94 -8.12 -2.09
N PRO C 74 -4.02 -7.75 -1.19
CA PRO C 74 -3.01 -8.69 -0.74
C PRO C 74 -3.62 -9.73 0.18
N ASN C 75 -3.05 -10.92 0.12
CA ASN C 75 -3.30 -11.96 1.10
C ASN C 75 -2.29 -11.81 2.24
N PHE C 76 -2.77 -11.42 3.40
CA PHE C 76 -1.86 -11.12 4.53
C PHE C 76 -1.28 -12.40 5.11
N SER C 77 -1.71 -13.59 4.65
CA SER C 77 -0.97 -14.83 5.01
C SER C 77 0.45 -14.74 4.46
N ASN C 78 0.62 -14.02 3.35
CA ASN C 78 1.79 -14.02 2.46
C ASN C 78 2.43 -12.62 2.34
N TYR C 79 1.84 -11.61 2.92
CA TYR C 79 2.44 -10.26 2.87
C TYR C 79 2.70 -9.83 4.29
N THR C 80 3.79 -9.11 4.51
CA THR C 80 4.00 -8.47 5.84
C THR C 80 2.92 -7.42 6.07
N GLU C 81 2.76 -7.00 7.29
CA GLU C 81 1.84 -5.87 7.61
C GLU C 81 2.23 -4.65 6.80
N SER C 82 3.51 -4.30 6.73
CA SER C 82 3.95 -3.11 6.01
C SER C 82 3.65 -3.22 4.53
N GLU C 83 4.07 -4.31 3.88
CA GLU C 83 3.93 -4.44 2.42
C GLU C 83 2.45 -4.61 2.07
N GLY C 84 1.74 -5.36 2.87
CA GLY C 84 0.32 -5.59 2.58
C GLY C 84 -0.47 -4.32 2.76
N ASP C 85 -0.14 -3.47 3.74
CA ASP C 85 -0.90 -2.22 3.91
C ASP C 85 -0.83 -1.38 2.65
N ARG C 86 0.34 -1.31 2.03
CA ARG C 86 0.53 -0.51 0.80
C ARG C 86 -0.25 -1.12 -0.37
N GLU C 87 -0.24 -2.43 -0.51
CA GLU C 87 -0.95 -3.11 -1.62
C GLU C 87 -2.46 -2.95 -1.42
N LEU C 88 -2.95 -2.96 -0.19
CA LEU C 88 -4.41 -2.89 0.09
C LEU C 88 -4.86 -1.48 -0.28
N ALA C 89 -4.09 -0.46 0.11
CA ALA C 89 -4.40 0.92 -0.26
C ALA C 89 -4.42 1.06 -1.78
N ALA C 90 -3.47 0.47 -2.48
CA ALA C 90 -3.35 0.61 -3.94
C ALA C 90 -4.54 -0.08 -4.64
N ALA C 91 -4.95 -1.25 -4.18
CA ALA C 91 -6.10 -1.96 -4.78
C ALA C 91 -7.31 -1.04 -4.72
N TYR C 92 -7.56 -0.40 -3.60
CA TYR C 92 -8.72 0.51 -3.51
C TYR C 92 -8.59 1.72 -4.42
N ARG C 93 -7.40 2.29 -4.53
N ARG C 93 -7.40 2.29 -4.53
CA ARG C 93 -7.19 3.45 -5.43
CA ARG C 93 -7.19 3.45 -5.44
C ARG C 93 -7.50 3.00 -6.87
C ARG C 93 -7.51 3.00 -6.88
N GLU C 94 -7.14 1.77 -7.25
CA GLU C 94 -7.46 1.28 -8.61
C GLU C 94 -8.96 1.11 -8.74
N VAL C 95 -9.66 0.71 -7.70
CA VAL C 95 -11.15 0.60 -7.76
C VAL C 95 -11.69 1.98 -8.03
N ALA C 96 -11.24 3.01 -7.30
CA ALA C 96 -11.73 4.38 -7.50
C ALA C 96 -11.52 4.83 -8.93
N LYS C 97 -10.38 4.48 -9.55
CA LYS C 97 -10.12 4.84 -10.95
C LYS C 97 -11.13 4.10 -11.85
N GLU C 98 -11.30 2.81 -11.62
CA GLU C 98 -12.21 2.00 -12.47
C GLU C 98 -13.62 2.52 -12.36
N VAL C 99 -14.10 2.80 -11.14
CA VAL C 99 -15.49 3.32 -11.00
C VAL C 99 -15.60 4.63 -11.73
N THR C 100 -14.61 5.51 -11.63
CA THR C 100 -14.66 6.83 -12.26
C THR C 100 -14.72 6.62 -13.81
N ARG C 101 -13.82 5.79 -14.31
CA ARG C 101 -13.71 5.52 -15.77
C ARG C 101 -15.05 5.05 -16.32
N LEU C 102 -15.75 4.21 -15.56
CA LEU C 102 -17.03 3.59 -16.02
C LEU C 102 -18.17 4.60 -16.04
N GLY C 103 -18.06 5.71 -15.31
CA GLY C 103 -19.13 6.72 -15.29
C GLY C 103 -20.35 6.26 -14.50
N VAL C 104 -20.27 5.19 -13.74
CA VAL C 104 -21.40 4.65 -12.94
C VAL C 104 -21.81 5.63 -11.84
N ASN C 105 -23.08 5.57 -11.43
CA ASN C 105 -23.61 6.41 -10.33
C ASN C 105 -23.60 5.61 -9.02
N SER C 106 -23.27 4.32 -9.07
CA SER C 106 -23.25 3.47 -7.88
C SER C 106 -22.36 2.28 -8.09
N VAL C 107 -21.88 1.78 -6.97
CA VAL C 107 -20.96 0.62 -6.92
C VAL C 107 -21.19 -0.18 -5.66
N ALA C 108 -21.24 -1.50 -5.79
CA ALA C 108 -21.28 -2.49 -4.71
C ALA C 108 -19.86 -2.95 -4.44
N ILE C 109 -19.42 -2.79 -3.19
N ILE C 109 -19.44 -2.91 -3.18
CA ILE C 109 -18.00 -3.09 -2.79
CA ILE C 109 -18.00 -3.14 -2.86
C ILE C 109 -17.99 -3.99 -1.57
C ILE C 109 -17.90 -3.92 -1.56
N PRO C 110 -17.08 -5.00 -1.54
CA PRO C 110 -16.77 -5.72 -0.32
C PRO C 110 -15.52 -5.11 0.32
N LEU C 111 -15.29 -5.45 1.59
CA LEU C 111 -14.03 -4.99 2.26
C LEU C 111 -12.92 -5.95 1.84
N LEU C 112 -12.01 -5.45 1.04
CA LEU C 112 -10.89 -6.25 0.54
C LEU C 112 -10.00 -6.73 1.69
N SER C 113 -9.44 -7.91 1.49
CA SER C 113 -8.41 -8.52 2.37
C SER C 113 -9.00 -8.77 3.75
N THR C 114 -10.32 -9.00 3.93
CA THR C 114 -10.90 -9.21 5.29
C THR C 114 -11.38 -10.64 5.57
N GLY C 115 -11.35 -11.52 4.58
CA GLY C 115 -11.84 -12.90 4.77
C GLY C 115 -10.66 -13.84 4.67
N VAL C 116 -10.61 -14.68 3.64
CA VAL C 116 -9.52 -15.68 3.44
C VAL C 116 -8.18 -14.97 3.22
N TYR C 117 -8.17 -13.68 2.91
CA TYR C 117 -6.93 -12.89 2.67
C TYR C 117 -6.58 -12.09 3.93
N SER C 118 -7.28 -12.26 5.05
CA SER C 118 -7.02 -11.46 6.29
C SER C 118 -5.78 -11.96 7.03
N GLY C 119 -5.22 -13.13 6.71
CA GLY C 119 -4.17 -13.74 7.54
C GLY C 119 -4.63 -14.03 8.96
N GLY C 120 -5.93 -14.20 9.19
CA GLY C 120 -6.55 -14.45 10.51
C GLY C 120 -6.64 -13.23 11.41
N LYS C 121 -6.46 -12.00 10.90
CA LYS C 121 -6.59 -10.77 11.72
C LYS C 121 -7.90 -10.06 11.39
N ASP C 122 -8.46 -9.35 12.36
CA ASP C 122 -9.63 -8.46 12.13
C ASP C 122 -9.16 -7.24 11.36
N ARG C 123 -9.57 -7.09 10.09
CA ARG C 123 -9.09 -5.96 9.24
C ARG C 123 -10.25 -5.04 8.85
N LEU C 124 -11.37 -5.03 9.59
CA LEU C 124 -12.49 -4.13 9.23
C LEU C 124 -12.02 -2.67 9.12
N THR C 125 -11.44 -2.12 10.20
CA THR C 125 -11.06 -0.70 10.27
C THR C 125 -10.01 -0.42 9.20
N GLN C 126 -8.99 -1.25 9.10
CA GLN C 126 -7.92 -1.03 8.11
C GLN C 126 -8.51 -0.99 6.68
N SER C 127 -9.28 -2.02 6.35
CA SER C 127 -9.85 -2.14 4.99
C SER C 127 -10.78 -0.96 4.72
N LEU C 128 -11.67 -0.66 5.66
CA LEU C 128 -12.62 0.46 5.49
C LEU C 128 -11.92 1.79 5.40
N ASN C 129 -10.84 2.01 6.19
CA ASN C 129 -10.05 3.24 6.11
C ASN C 129 -9.51 3.41 4.68
N HIS C 130 -8.91 2.35 4.13
CA HIS C 130 -8.39 2.41 2.77
C HIS C 130 -9.52 2.63 1.74
N LEU C 131 -10.66 2.02 1.96
CA LEU C 131 -11.83 2.23 1.07
C LEU C 131 -12.21 3.70 1.04
N PHE C 132 -12.33 4.31 2.22
CA PHE C 132 -12.71 5.74 2.28
C PHE C 132 -11.64 6.61 1.63
N THR C 133 -10.35 6.33 1.92
CA THR C 133 -9.27 7.17 1.38
C THR C 133 -9.39 7.20 -0.17
N ALA C 134 -9.73 6.06 -0.78
CA ALA C 134 -9.82 5.98 -2.25
C ALA C 134 -11.15 6.53 -2.77
N MET C 135 -12.25 6.22 -2.09
CA MET C 135 -13.61 6.49 -2.64
C MET C 135 -14.15 7.86 -2.22
N ASP C 136 -13.54 8.55 -1.25
CA ASP C 136 -14.15 9.82 -0.79
C ASP C 136 -14.19 10.84 -1.92
N SER C 137 -13.21 10.82 -2.85
CA SER C 137 -13.16 11.82 -3.95
C SER C 137 -13.99 11.38 -5.16
N THR C 138 -14.63 10.22 -5.10
CA THR C 138 -15.59 9.79 -6.13
C THR C 138 -16.98 10.29 -5.84
N ASP C 139 -17.82 10.39 -6.87
CA ASP C 139 -19.22 10.87 -6.74
C ASP C 139 -20.17 9.72 -6.93
N ALA C 140 -19.72 8.47 -6.91
CA ALA C 140 -20.63 7.32 -6.95
C ALA C 140 -21.24 7.03 -5.59
N ASP C 141 -22.50 6.62 -5.55
CA ASP C 141 -23.05 6.00 -4.35
C ASP C 141 -22.30 4.71 -4.08
N VAL C 142 -21.73 4.55 -2.91
CA VAL C 142 -20.97 3.36 -2.55
C VAL C 142 -21.77 2.55 -1.57
N VAL C 143 -22.04 1.30 -1.86
CA VAL C 143 -22.77 0.35 -1.00
C VAL C 143 -21.83 -0.77 -0.64
N ILE C 144 -21.49 -0.86 0.64
CA ILE C 144 -20.55 -1.88 1.16
C ILE C 144 -21.34 -3.10 1.57
N TYR C 145 -20.95 -4.29 1.13
CA TYR C 145 -21.66 -5.55 1.42
C TYR C 145 -20.88 -6.32 2.46
N CYS C 146 -21.54 -6.78 3.52
CA CYS C 146 -20.89 -7.67 4.50
C CYS C 146 -21.81 -8.85 4.83
N ARG C 147 -21.31 -9.80 5.62
CA ARG C 147 -22.06 -11.06 5.94
C ARG C 147 -22.55 -11.07 7.40
N ASP C 148 -21.77 -10.53 8.33
CA ASP C 148 -22.00 -10.70 9.79
C ASP C 148 -22.51 -9.39 10.38
N LYS C 149 -23.47 -9.49 11.32
CA LYS C 149 -24.19 -8.33 11.93
C LYS C 149 -23.28 -7.42 12.76
N GLU C 150 -22.27 -8.00 13.40
CA GLU C 150 -21.20 -7.27 14.15
C GLU C 150 -20.53 -6.27 13.19
N TRP C 151 -20.13 -6.76 12.02
CA TRP C 151 -19.44 -5.96 10.95
C TRP C 151 -20.40 -4.89 10.43
N GLU C 152 -21.66 -5.27 10.17
CA GLU C 152 -22.65 -4.30 9.67
C GLU C 152 -22.73 -3.12 10.65
N LYS C 153 -22.80 -3.40 11.94
CA LYS C 153 -22.95 -2.35 12.96
C LYS C 153 -21.71 -1.45 13.00
N LYS C 154 -20.52 -2.03 13.00
CA LYS C 154 -19.24 -1.26 13.06
C LYS C 154 -19.04 -0.43 11.79
N ILE C 155 -19.34 -1.00 10.61
CA ILE C 155 -19.24 -0.18 9.36
C ILE C 155 -20.24 0.98 9.40
N SER C 156 -21.47 0.68 9.82
CA SER C 156 -22.54 1.69 9.91
C SER C 156 -22.12 2.82 10.84
N GLU C 157 -21.59 2.50 12.02
CA GLU C 157 -21.09 3.50 12.99
C GLU C 157 -20.00 4.34 12.34
N ALA C 158 -19.07 3.72 11.63
CA ALA C 158 -17.93 4.43 11.01
C ALA C 158 -18.46 5.41 9.97
N ILE C 159 -19.48 5.03 9.20
CA ILE C 159 -20.02 5.93 8.14
C ILE C 159 -20.74 7.08 8.84
N GLN C 160 -21.54 6.77 9.85
CA GLN C 160 -22.36 7.81 10.53
C GLN C 160 -21.47 8.79 11.31
N MET C 161 -20.34 8.36 11.86
CA MET C 161 -19.36 9.24 12.57
C MET C 161 -18.96 10.46 11.72
N ARG C 162 -18.93 10.33 10.40
CA ARG C 162 -18.36 11.35 9.47
C ARG C 162 -19.46 12.22 8.85
N THR C 163 -20.74 11.89 9.05
CA THR C 163 -21.90 12.63 8.47
C THR C 163 -21.94 14.04 9.06
N PRO D 5 -15.16 41.19 -15.75
CA PRO D 5 -14.67 40.95 -14.37
C PRO D 5 -13.18 41.30 -14.15
N SER D 6 -12.87 41.86 -12.98
N SER D 6 -12.88 41.95 -13.03
CA SER D 6 -11.51 42.27 -12.55
CA SER D 6 -11.49 42.27 -12.59
C SER D 6 -10.88 41.18 -11.68
C SER D 6 -10.94 41.06 -11.83
N TYR D 7 -9.64 40.78 -11.98
CA TYR D 7 -8.95 39.67 -11.30
C TYR D 7 -7.81 40.19 -10.46
N ARG D 8 -7.68 39.66 -9.24
CA ARG D 8 -6.53 39.86 -8.32
C ARG D 8 -6.15 38.51 -7.72
N VAL D 9 -4.95 38.42 -7.16
CA VAL D 9 -4.45 37.24 -6.42
C VAL D 9 -3.99 37.70 -5.06
N LYS D 10 -4.24 36.90 -4.03
CA LYS D 10 -3.80 37.11 -2.64
C LYS D 10 -3.14 35.81 -2.17
N ARG D 11 -1.98 35.92 -1.55
CA ARG D 11 -1.31 34.79 -0.87
C ARG D 11 -1.78 34.84 0.57
N MET D 12 -2.89 34.17 0.85
CA MET D 12 -3.42 34.10 2.21
C MET D 12 -4.52 33.06 2.25
N ASP D 13 -4.92 32.73 3.46
CA ASP D 13 -5.95 31.69 3.75
C ASP D 13 -7.31 32.19 3.22
N ILE D 14 -7.93 31.48 2.29
CA ILE D 14 -9.21 31.90 1.68
C ILE D 14 -10.27 31.97 2.80
N ALA D 15 -10.07 31.26 3.90
CA ALA D 15 -11.00 31.29 5.06
C ALA D 15 -10.99 32.71 5.66
N LYS D 16 -10.04 33.55 5.29
CA LYS D 16 -9.96 34.95 5.78
C LYS D 16 -10.19 35.94 4.64
N ASN D 17 -10.91 35.54 3.61
CA ASN D 17 -11.09 36.41 2.45
C ASN D 17 -11.91 37.68 2.76
N ASP D 18 -11.79 38.68 1.91
CA ASP D 18 -12.44 40.00 2.04
C ASP D 18 -13.50 40.16 0.96
N GLU D 19 -14.09 39.08 0.46
CA GLU D 19 -15.08 39.13 -0.61
C GLU D 19 -16.49 38.72 -0.12
N GLU D 20 -17.47 38.92 -0.96
CA GLU D 20 -18.89 38.73 -0.55
C GLU D 20 -19.30 37.27 -0.51
N CYS D 21 -18.52 36.36 -1.12
CA CYS D 21 -18.82 34.92 -1.08
C CYS D 21 -17.54 34.17 -1.37
N VAL D 22 -17.54 32.87 -1.06
CA VAL D 22 -16.33 32.05 -1.14
C VAL D 22 -16.69 30.82 -1.96
N VAL D 23 -15.71 30.38 -2.75
CA VAL D 23 -15.81 29.07 -3.45
C VAL D 23 -14.95 28.06 -2.70
N ASN D 24 -15.56 26.98 -2.28
CA ASN D 24 -14.89 25.86 -1.61
C ASN D 24 -14.37 24.90 -2.70
N ALA D 25 -13.14 24.42 -2.52
CA ALA D 25 -12.62 23.28 -3.32
C ALA D 25 -13.10 22.01 -2.63
N ALA D 26 -14.38 21.73 -2.86
CA ALA D 26 -15.14 20.70 -2.14
C ALA D 26 -14.83 19.28 -2.63
N ASN D 27 -15.14 18.32 -1.82
CA ASN D 27 -15.25 16.92 -2.27
C ASN D 27 -16.71 16.65 -2.60
N PRO D 28 -17.03 15.56 -3.32
CA PRO D 28 -18.42 15.30 -3.70
C PRO D 28 -19.34 14.95 -2.54
N ARG D 29 -18.76 14.58 -1.39
CA ARG D 29 -19.54 13.99 -0.27
C ARG D 29 -19.88 15.03 0.79
N GLY D 30 -19.37 16.26 0.68
CA GLY D 30 -19.58 17.28 1.72
C GLY D 30 -18.83 16.93 2.97
N LEU D 31 -17.72 16.19 2.90
CA LEU D 31 -16.85 15.90 4.04
C LEU D 31 -15.92 17.09 4.28
N PRO D 32 -15.41 17.23 5.53
CA PRO D 32 -14.44 18.27 5.84
C PRO D 32 -13.18 18.31 4.95
N GLY D 33 -12.70 17.13 4.56
CA GLY D 33 -11.64 17.03 3.52
C GLY D 33 -10.30 17.56 4.01
N ASP D 34 -9.48 18.07 3.10
CA ASP D 34 -8.20 18.72 3.49
C ASP D 34 -7.94 19.90 2.55
N GLY D 35 -6.80 20.55 2.75
CA GLY D 35 -6.45 21.78 2.05
C GLY D 35 -7.51 22.84 2.30
N VAL D 36 -7.87 23.54 1.22
CA VAL D 36 -8.89 24.62 1.25
C VAL D 36 -10.15 24.09 1.94
N CYS D 37 -10.59 22.88 1.59
CA CYS D 37 -11.87 22.32 2.07
C CYS D 37 -11.87 22.29 3.59
N LYS D 38 -10.77 21.84 4.21
CA LYS D 38 -10.70 21.75 5.70
C LYS D 38 -10.75 23.16 6.33
N ALA D 39 -10.14 24.15 5.70
CA ALA D 39 -10.14 25.56 6.19
C ALA D 39 -11.57 26.11 6.11
N VAL D 40 -12.26 25.80 5.03
CA VAL D 40 -13.65 26.25 4.76
C VAL D 40 -14.51 25.57 5.83
N TYR D 41 -14.27 24.29 6.13
CA TYR D 41 -15.06 23.55 7.13
C TYR D 41 -14.90 24.16 8.53
N LYS D 42 -13.68 24.56 8.88
CA LYS D 42 -13.36 25.18 10.19
C LYS D 42 -14.07 26.54 10.29
N LYS D 43 -14.12 27.30 9.20
CA LYS D 43 -14.63 28.69 9.19
C LYS D 43 -16.15 28.72 9.05
N TRP D 44 -16.71 27.88 8.18
CA TRP D 44 -18.13 27.94 7.81
C TRP D 44 -18.72 26.52 7.88
N PRO D 45 -18.66 25.84 9.04
CA PRO D 45 -19.14 24.46 9.10
C PRO D 45 -20.63 24.32 8.76
N GLU D 46 -21.46 25.31 9.09
CA GLU D 46 -22.90 25.24 8.81
C GLU D 46 -23.15 25.13 7.32
N SER D 47 -22.20 25.57 6.48
CA SER D 47 -22.39 25.53 5.00
C SER D 47 -22.22 24.11 4.46
N PHE D 48 -21.88 23.13 5.32
CA PHE D 48 -21.74 21.73 4.84
C PHE D 48 -23.03 20.92 5.00
N LYS D 49 -24.14 21.58 5.38
CA LYS D 49 -25.45 20.92 5.48
C LYS D 49 -25.94 20.61 4.06
N ASN D 50 -26.00 19.33 3.70
CA ASN D 50 -26.46 18.90 2.35
C ASN D 50 -25.63 19.62 1.27
N SER D 51 -24.30 19.67 1.45
CA SER D 51 -23.41 20.29 0.44
C SER D 51 -22.91 19.25 -0.57
N ALA D 52 -23.18 17.98 -0.35
CA ALA D 52 -22.76 16.90 -1.27
C ALA D 52 -23.31 17.18 -2.65
N THR D 53 -22.49 17.00 -3.70
CA THR D 53 -22.87 17.34 -5.07
C THR D 53 -21.87 16.62 -5.96
N PRO D 54 -22.25 16.24 -7.20
CA PRO D 54 -21.32 15.47 -8.01
C PRO D 54 -20.14 16.28 -8.58
N VAL D 55 -19.15 15.55 -9.08
CA VAL D 55 -18.01 16.18 -9.78
C VAL D 55 -18.54 17.02 -10.92
N GLY D 56 -17.94 18.17 -11.14
CA GLY D 56 -18.30 19.12 -12.21
C GLY D 56 -19.46 20.00 -11.89
N THR D 57 -19.92 19.98 -10.64
CA THR D 57 -21.06 20.81 -10.20
C THR D 57 -20.66 21.73 -9.07
N ALA D 58 -21.52 22.73 -8.88
CA ALA D 58 -21.37 23.66 -7.73
C ALA D 58 -22.70 23.69 -6.97
N LYS D 59 -22.60 23.69 -5.66
CA LYS D 59 -23.82 23.79 -4.80
C LYS D 59 -23.54 24.83 -3.73
N THR D 60 -24.43 25.83 -3.69
CA THR D 60 -24.30 26.97 -2.75
C THR D 60 -25.09 26.69 -1.48
N VAL D 61 -24.43 26.82 -0.36
CA VAL D 61 -25.07 26.71 0.97
C VAL D 61 -24.62 27.93 1.76
N MET D 62 -25.60 28.63 2.35
N MET D 62 -25.59 28.56 2.42
CA MET D 62 -25.34 29.84 3.17
CA MET D 62 -25.37 29.79 3.22
C MET D 62 -24.85 29.45 4.57
C MET D 62 -24.83 29.41 4.60
N CYS D 63 -23.87 30.19 5.10
CA CYS D 63 -23.42 30.14 6.49
C CYS D 63 -23.85 31.49 7.07
N GLY D 64 -24.98 31.50 7.77
CA GLY D 64 -25.64 32.80 8.05
C GLY D 64 -26.21 33.34 6.77
N THR D 65 -25.74 34.50 6.32
CA THR D 65 -26.08 35.07 4.99
C THR D 65 -24.85 35.02 4.06
N TYR D 66 -23.77 34.38 4.49
CA TYR D 66 -22.53 34.35 3.68
C TYR D 66 -22.58 33.10 2.79
N PRO D 67 -22.57 33.25 1.44
CA PRO D 67 -22.66 32.11 0.55
C PRO D 67 -21.32 31.38 0.40
N VAL D 68 -21.41 30.07 0.56
CA VAL D 68 -20.27 29.14 0.33
C VAL D 68 -20.67 28.33 -0.90
N ILE D 69 -19.94 28.53 -2.00
CA ILE D 69 -20.21 27.85 -3.30
C ILE D 69 -19.31 26.63 -3.29
N HIS D 70 -19.84 25.45 -3.01
CA HIS D 70 -19.07 24.20 -2.98
C HIS D 70 -18.89 23.73 -4.43
N ALA D 71 -17.68 23.86 -4.94
CA ALA D 71 -17.37 23.50 -6.34
C ALA D 71 -16.53 22.23 -6.31
N VAL D 72 -17.02 21.19 -7.02
CA VAL D 72 -16.35 19.88 -6.97
C VAL D 72 -15.53 19.66 -8.26
N GLY D 73 -14.26 19.93 -8.17
CA GLY D 73 -13.34 19.65 -9.30
C GLY D 73 -13.04 18.18 -9.30
N PRO D 74 -12.59 17.64 -10.47
CA PRO D 74 -12.21 16.25 -10.50
C PRO D 74 -10.90 15.95 -9.77
N ASN D 75 -10.81 14.76 -9.21
CA ASN D 75 -9.55 14.23 -8.67
C ASN D 75 -8.81 13.54 -9.82
N PHE D 76 -7.74 14.17 -10.29
CA PHE D 76 -6.96 13.58 -11.39
C PHE D 76 -6.26 12.29 -10.98
N SER D 77 -6.21 11.88 -9.73
CA SER D 77 -5.85 10.49 -9.38
C SER D 77 -6.88 9.50 -9.96
N ASN D 78 -8.15 9.93 -10.19
CA ASN D 78 -9.20 8.99 -10.59
C ASN D 78 -9.57 9.18 -12.05
N TYR D 79 -9.54 10.43 -12.53
CA TYR D 79 -9.98 10.80 -13.89
C TYR D 79 -8.78 10.75 -14.84
N THR D 80 -9.06 10.38 -16.07
CA THR D 80 -8.08 10.62 -17.16
C THR D 80 -7.86 12.10 -17.37
N GLU D 81 -6.77 12.43 -18.04
CA GLU D 81 -6.55 13.85 -18.40
C GLU D 81 -7.75 14.40 -19.19
N SER D 82 -8.20 13.62 -20.20
CA SER D 82 -9.30 14.03 -21.08
C SER D 82 -10.59 14.25 -20.24
N GLU D 83 -11.00 13.24 -19.49
CA GLU D 83 -12.33 13.37 -18.83
C GLU D 83 -12.23 14.42 -17.70
N GLY D 84 -11.10 14.47 -17.02
CA GLY D 84 -10.86 15.46 -15.95
C GLY D 84 -10.90 16.86 -16.47
N ASP D 85 -10.27 17.11 -17.61
CA ASP D 85 -10.28 18.47 -18.16
C ASP D 85 -11.71 18.97 -18.35
N ARG D 86 -12.59 18.11 -18.88
CA ARG D 86 -14.00 18.46 -19.16
C ARG D 86 -14.68 18.78 -17.82
N GLU D 87 -14.41 17.98 -16.80
CA GLU D 87 -15.11 18.16 -15.49
C GLU D 87 -14.56 19.41 -14.81
N LEU D 88 -13.30 19.74 -15.01
CA LEU D 88 -12.69 20.94 -14.37
C LEU D 88 -13.34 22.16 -15.02
N ALA D 89 -13.45 22.21 -16.34
CA ALA D 89 -14.16 23.30 -17.05
C ALA D 89 -15.58 23.41 -16.51
N ALA D 90 -16.26 22.27 -16.36
CA ALA D 90 -17.68 22.23 -15.90
C ALA D 90 -17.80 22.82 -14.48
N ALA D 91 -16.91 22.43 -13.58
CA ALA D 91 -16.97 22.92 -12.17
C ALA D 91 -16.90 24.45 -12.21
N TYR D 92 -15.97 25.04 -12.90
CA TYR D 92 -15.85 26.52 -12.98
C TYR D 92 -17.04 27.17 -13.67
N ARG D 93 -17.55 26.59 -14.77
CA ARG D 93 -18.79 27.05 -15.44
C ARG D 93 -19.93 27.16 -14.40
N GLU D 94 -20.09 26.14 -13.56
CA GLU D 94 -21.18 26.10 -12.56
C GLU D 94 -20.90 27.13 -11.46
N VAL D 95 -19.65 27.32 -11.05
CA VAL D 95 -19.29 28.44 -10.12
C VAL D 95 -19.74 29.78 -10.73
N ALA D 96 -19.43 30.04 -11.99
CA ALA D 96 -19.75 31.34 -12.63
C ALA D 96 -21.26 31.55 -12.61
N LYS D 97 -22.04 30.50 -12.88
CA LYS D 97 -23.52 30.57 -12.92
C LYS D 97 -24.05 30.90 -11.52
N GLU D 98 -23.44 30.35 -10.48
CA GLU D 98 -23.85 30.66 -9.06
C GLU D 98 -23.48 32.11 -8.69
N VAL D 99 -22.29 32.56 -9.04
CA VAL D 99 -21.87 33.96 -8.77
C VAL D 99 -22.88 34.92 -9.41
N THR D 100 -23.24 34.69 -10.67
CA THR D 100 -24.18 35.57 -11.40
C THR D 100 -25.51 35.54 -10.67
N ARG D 101 -25.98 34.34 -10.33
CA ARG D 101 -27.34 34.14 -9.75
C ARG D 101 -27.42 34.84 -8.39
N LEU D 102 -26.35 34.75 -7.60
CA LEU D 102 -26.30 35.35 -6.25
C LEU D 102 -26.21 36.88 -6.34
N GLY D 103 -25.80 37.44 -7.48
CA GLY D 103 -25.64 38.89 -7.71
C GLY D 103 -24.58 39.54 -6.86
N VAL D 104 -23.59 38.77 -6.40
CA VAL D 104 -22.49 39.30 -5.57
C VAL D 104 -21.63 40.25 -6.40
N ASN D 105 -20.97 41.18 -5.72
CA ASN D 105 -20.00 42.09 -6.36
C ASN D 105 -18.62 41.43 -6.41
N SER D 106 -18.35 40.45 -5.56
CA SER D 106 -17.00 39.85 -5.46
C SER D 106 -17.10 38.41 -4.98
N VAL D 107 -16.06 37.66 -5.32
CA VAL D 107 -15.95 36.22 -4.97
C VAL D 107 -14.51 35.88 -4.72
N ALA D 108 -14.25 35.12 -3.68
CA ALA D 108 -12.97 34.52 -3.32
C ALA D 108 -12.96 33.11 -3.93
N ILE D 109 -11.93 32.77 -4.70
N ILE D 109 -11.94 32.82 -4.75
CA ILE D 109 -11.91 31.48 -5.45
CA ILE D 109 -11.83 31.51 -5.45
C ILE D 109 -10.53 30.86 -5.40
C ILE D 109 -10.46 30.88 -5.24
N PRO D 110 -10.41 29.55 -5.06
CA PRO D 110 -9.15 28.84 -5.10
C PRO D 110 -9.01 28.17 -6.47
N LEU D 111 -7.79 27.67 -6.75
CA LEU D 111 -7.55 26.93 -8.03
C LEU D 111 -7.95 25.47 -7.82
N LEU D 112 -9.11 25.12 -8.39
CA LEU D 112 -9.69 23.78 -8.28
C LEU D 112 -8.77 22.73 -8.87
N SER D 113 -8.70 21.59 -8.25
CA SER D 113 -7.98 20.39 -8.75
C SER D 113 -6.46 20.61 -8.77
N THR D 114 -5.91 21.57 -8.03
CA THR D 114 -4.43 21.86 -8.02
C THR D 114 -3.63 21.34 -6.82
N GLY D 115 -4.26 20.80 -5.81
CA GLY D 115 -3.53 20.29 -4.64
C GLY D 115 -3.68 18.79 -4.58
N VAL D 116 -4.39 18.30 -3.58
CA VAL D 116 -4.58 16.84 -3.37
C VAL D 116 -5.46 16.24 -4.50
N TYR D 117 -6.08 17.04 -5.34
CA TYR D 117 -6.82 16.50 -6.52
C TYR D 117 -6.00 16.65 -7.80
N SER D 118 -4.70 16.99 -7.72
CA SER D 118 -3.91 17.24 -8.95
C SER D 118 -3.33 15.96 -9.54
N GLY D 119 -3.42 14.81 -8.87
CA GLY D 119 -2.75 13.55 -9.29
C GLY D 119 -1.25 13.75 -9.40
N GLY D 120 -0.70 14.67 -8.60
CA GLY D 120 0.76 14.88 -8.46
C GLY D 120 1.36 15.72 -9.58
N LYS D 121 0.51 16.34 -10.40
CA LYS D 121 0.93 17.19 -11.54
C LYS D 121 0.70 18.66 -11.19
N ASP D 122 1.50 19.56 -11.78
CA ASP D 122 1.35 21.02 -11.64
C ASP D 122 0.24 21.43 -12.60
N ARG D 123 -0.91 21.84 -12.05
CA ARG D 123 -2.09 22.25 -12.84
C ARG D 123 -2.45 23.71 -12.64
N LEU D 124 -1.51 24.56 -12.21
CA LEU D 124 -1.77 26.00 -12.09
C LEU D 124 -2.34 26.54 -13.38
N THR D 125 -1.64 26.38 -14.53
CA THR D 125 -2.04 27.01 -15.80
C THR D 125 -3.38 26.42 -16.24
N GLN D 126 -3.51 25.12 -16.12
CA GLN D 126 -4.75 24.43 -16.56
C GLN D 126 -5.94 24.95 -15.73
N SER D 127 -5.76 24.95 -14.42
CA SER D 127 -6.88 25.40 -13.53
C SER D 127 -7.23 26.89 -13.76
N LEU D 128 -6.22 27.75 -13.85
CA LEU D 128 -6.41 29.20 -14.10
C LEU D 128 -7.06 29.41 -15.45
N ASN D 129 -6.68 28.65 -16.49
CA ASN D 129 -7.31 28.83 -17.80
C ASN D 129 -8.83 28.56 -17.73
N HIS D 130 -9.25 27.49 -17.06
CA HIS D 130 -10.69 27.20 -16.92
C HIS D 130 -11.39 28.26 -16.04
N LEU D 131 -10.70 28.70 -15.00
CA LEU D 131 -11.20 29.79 -14.10
C LEU D 131 -11.49 31.05 -14.94
N PHE D 132 -10.53 31.49 -15.76
CA PHE D 132 -10.72 32.74 -16.52
C PHE D 132 -11.86 32.56 -17.50
N THR D 133 -11.90 31.42 -18.19
CA THR D 133 -12.93 31.20 -19.21
C THR D 133 -14.32 31.31 -18.62
N ALA D 134 -14.53 30.70 -17.45
CA ALA D 134 -15.84 30.70 -16.79
C ALA D 134 -16.12 32.09 -16.21
N MET D 135 -15.16 32.65 -15.49
CA MET D 135 -15.45 33.85 -14.66
C MET D 135 -15.48 35.09 -15.56
N ASP D 136 -14.89 35.04 -16.77
CA ASP D 136 -15.05 36.15 -17.73
C ASP D 136 -16.53 36.43 -18.05
N SER D 137 -17.45 35.48 -17.85
CA SER D 137 -18.89 35.61 -18.18
C SER D 137 -19.62 36.33 -17.04
N THR D 138 -18.95 36.59 -15.92
CA THR D 138 -19.54 37.33 -14.77
C THR D 138 -19.10 38.78 -14.78
N ASP D 139 -19.68 39.63 -13.96
CA ASP D 139 -19.11 41.00 -13.79
C ASP D 139 -18.58 41.20 -12.37
N ALA D 140 -18.32 40.11 -11.64
CA ALA D 140 -17.82 40.16 -10.25
C ALA D 140 -16.32 40.44 -10.26
N ASP D 141 -15.84 41.15 -9.23
CA ASP D 141 -14.42 41.15 -8.84
C ASP D 141 -14.07 39.75 -8.38
N VAL D 142 -13.05 39.16 -8.97
CA VAL D 142 -12.63 37.80 -8.63
C VAL D 142 -11.29 37.92 -7.93
N VAL D 143 -11.15 37.33 -6.78
CA VAL D 143 -9.91 37.31 -5.99
C VAL D 143 -9.50 35.85 -5.79
N ILE D 144 -8.38 35.48 -6.41
CA ILE D 144 -7.83 34.11 -6.38
C ILE D 144 -6.93 34.00 -5.18
N TYR D 145 -7.07 32.94 -4.39
CA TYR D 145 -6.31 32.68 -3.16
C TYR D 145 -5.33 31.54 -3.41
N CYS D 146 -4.06 31.75 -3.08
CA CYS D 146 -3.01 30.70 -3.09
C CYS D 146 -2.20 30.78 -1.81
N ARG D 147 -1.30 29.82 -1.55
CA ARG D 147 -0.51 29.76 -0.30
C ARG D 147 0.97 30.03 -0.57
N ASP D 148 1.42 29.88 -1.81
CA ASP D 148 2.85 29.75 -2.18
C ASP D 148 3.30 30.97 -3.00
N LYS D 149 4.48 31.51 -2.71
CA LYS D 149 4.97 32.76 -3.36
C LYS D 149 5.17 32.57 -4.87
N GLU D 150 5.67 31.42 -5.31
CA GLU D 150 5.90 31.15 -6.75
C GLU D 150 4.54 31.12 -7.47
N TRP D 151 3.53 30.49 -6.84
CA TRP D 151 2.15 30.43 -7.41
C TRP D 151 1.57 31.84 -7.46
N GLU D 152 1.73 32.62 -6.36
CA GLU D 152 1.26 34.02 -6.33
C GLU D 152 1.84 34.75 -7.55
N LYS D 153 3.14 34.62 -7.78
CA LYS D 153 3.85 35.36 -8.87
C LYS D 153 3.30 34.92 -10.24
N LYS D 154 3.15 33.60 -10.42
CA LYS D 154 2.70 32.97 -11.67
C LYS D 154 1.26 33.39 -11.96
N ILE D 155 0.39 33.36 -10.93
CA ILE D 155 -1.03 33.80 -11.08
C ILE D 155 -1.08 35.28 -11.45
N SER D 156 -0.31 36.10 -10.75
CA SER D 156 -0.21 37.56 -11.01
C SER D 156 0.22 37.79 -12.46
N GLU D 157 1.24 37.05 -12.91
CA GLU D 157 1.76 37.15 -14.31
C GLU D 157 0.66 36.77 -15.29
N ALA D 158 -0.10 35.71 -15.01
CA ALA D 158 -1.20 35.28 -15.91
C ALA D 158 -2.27 36.37 -15.99
N ILE D 159 -2.62 37.01 -14.87
CA ILE D 159 -3.62 38.10 -14.85
C ILE D 159 -3.07 39.23 -15.74
N GLN D 160 -1.82 39.62 -15.50
CA GLN D 160 -1.13 40.76 -16.20
C GLN D 160 -1.22 40.55 -17.72
N MET D 161 -1.06 39.32 -18.19
CA MET D 161 -0.86 39.00 -19.63
C MET D 161 -2.18 39.07 -20.43
N ARG D 162 -3.36 39.09 -19.79
CA ARG D 162 -4.67 39.07 -20.49
C ARG D 162 -5.15 40.49 -20.83
N THR D 163 -4.71 41.48 -20.06
CA THR D 163 -5.37 42.80 -19.89
C THR D 163 -5.21 43.66 -21.16
S DMS E . 8.41 1.73 -1.84
O DMS E . 7.70 2.63 -0.86
C1 DMS E . 9.54 0.75 -0.90
C2 DMS E . 9.62 2.73 -2.66
S DMS F . 20.74 9.37 12.39
O DMS F . 19.54 9.99 11.69
C1 DMS F . 21.19 7.97 11.41
C2 DMS F . 20.08 8.53 13.80
C TRS G . 14.06 16.12 26.35
C1 TRS G . 13.70 14.69 26.75
C2 TRS G . 13.12 16.72 25.31
C3 TRS G . 14.10 17.01 27.60
N TRS G . 15.42 16.10 25.70
O1 TRS G . 14.65 14.10 27.66
O2 TRS G . 11.79 16.91 25.78
O3 TRS G . 14.79 18.24 27.37
S DMS H . -0.85 8.64 15.68
O DMS H . -0.59 7.21 16.15
C1 DMS H . 0.21 8.93 14.32
C2 DMS H . -0.01 9.72 16.82
S DMS I . 21.63 2.66 14.00
O DMS I . 20.58 3.15 14.99
C1 DMS I . 21.33 3.54 12.46
C2 DMS I . 21.12 1.04 13.50
S DMS J . 17.57 -14.33 18.84
O DMS J . 16.29 -14.34 18.11
C1 DMS J . 18.58 -15.50 17.90
C2 DMS J . 17.42 -15.18 20.40
CL CL K . 22.59 5.85 15.16
CL CL L . 18.50 -7.37 4.04
N01 XHD M . 22.50 -2.82 15.59
C02 XHD M . 23.44 -2.48 15.06
C03 XHD M . 24.72 -2.03 14.53
C04 XHD M . 25.45 -3.15 13.81
N05 XHD M . 26.73 -2.93 13.56
O06 XHD M . 24.86 -4.19 13.50
N01 XHD N . 31.74 -3.06 15.60
C02 XHD N . 31.72 -3.48 16.66
C03 XHD N . 31.55 -4.00 18.01
C04 XHD N . 30.99 -5.42 17.99
N05 XHD N . 31.63 -6.29 17.23
O06 XHD N . 29.99 -5.72 18.66
S DMS O . 21.80 -9.89 5.94
O DMS O . 21.90 -8.40 6.22
C1 DMS O . 20.15 -10.14 5.29
C2 DMS O . 22.70 -10.18 4.44
S DMS P . 15.16 -17.66 -13.64
O DMS P . 15.06 -18.27 -12.27
C1 DMS P . 14.46 -16.04 -13.53
C2 DMS P . 13.86 -18.38 -14.60
S DMS Q . 20.54 -16.43 -9.94
O DMS Q . 20.95 -16.28 -8.50
C1 DMS Q . 20.42 -18.18 -10.22
C2 DMS Q . 22.03 -16.14 -10.88
CL CL R . 9.77 -17.29 -17.90
CL CL S . 18.47 -19.31 -13.86
CL CL T . -10.57 -11.69 1.23
S DMS U . -26.76 -17.27 -12.74
O DMS U . -25.55 -16.54 -13.30
C1 DMS U . -27.18 -16.49 -11.22
C2 DMS U . -26.15 -18.82 -12.07
S DMS V . -10.04 -14.47 -2.65
O DMS V . -9.84 -13.34 -3.63
C1 DMS V . -10.43 -15.90 -3.61
C2 DMS V . -11.64 -14.20 -1.91
S DMS W . -0.75 3.84 1.73
O DMS W . -0.46 2.48 2.36
C1 DMS W . -0.16 3.76 0.06
C2 DMS W . 0.44 4.99 2.37
N01 XHD X . -18.98 9.81 4.39
C02 XHD X . -20.04 9.82 4.81
C03 XHD X . -21.34 9.88 5.45
C04 XHD X . -22.42 9.25 4.58
N05 XHD X . -23.53 8.87 5.19
O06 XHD X . -22.26 9.11 3.36
N01 XHD Y . -17.00 -7.86 5.54
C02 XHD Y . -16.86 -8.88 6.03
C03 XHD Y . -16.70 -10.12 6.78
C04 XHD Y . -17.83 -10.30 7.77
N05 XHD Y . -17.68 -11.28 8.66
O06 XHD Y . -18.84 -9.59 7.75
S DMS Z . -14.99 -7.99 14.71
O DMS Z . -16.46 -8.29 14.76
C1 DMS Z . -14.18 -9.46 14.10
C2 DMS Z . -14.75 -6.94 13.30
S DMS AA . -6.73 23.16 -3.46
O DMS AA . -7.11 22.72 -2.06
C1 DMS AA . -5.51 24.46 -3.28
C2 DMS AA . -8.04 24.16 -4.05
S DMS BA . -14.39 30.19 13.49
O DMS BA . -13.41 30.42 12.34
C1 DMS BA . -13.95 28.62 14.21
C2 DMS BA . -15.97 29.74 12.76
S DMS CA . -10.55 17.99 -1.41
O DMS CA . -11.64 18.36 -0.43
C1 DMS CA . -9.15 18.98 -1.00
C2 DMS CA . -10.96 18.81 -2.94
S DMS DA . -29.08 29.17 -2.20
O DMS DA . -28.12 30.24 -2.63
C1 DMS DA . -28.39 28.44 -0.74
C2 DMS DA . -28.84 27.79 -3.30
CL CL EA . -0.61 27.41 -3.92
CL CL FA . -7.43 20.12 -4.85
#